data_8RO9
#
_entry.id   8RO9
#
_cell.length_a   187.918
_cell.length_b   64.597
_cell.length_c   89.949
_cell.angle_alpha   90.00
_cell.angle_beta   99.74
_cell.angle_gamma   90.00
#
_symmetry.space_group_name_H-M   'C 1 2 1'
#
loop_
_entity.id
_entity.type
_entity.pdbx_description
1 polymer 'Structural maintenance of chromosomes protein 1A'
2 polymer '64-kDa C-terminal product'
3 non-polymer 2-[3-(2-HYDROXY-1,1-DIHYDROXYMETHYL-ETHYLAMINO)-PROPYLAMINO]-2-HYDROXYMETHYL-PROPANE-1,3-DIOL
4 water water
#
loop_
_entity_poly.entity_id
_entity_poly.type
_entity_poly.pdbx_seq_one_letter_code
_entity_poly.pdbx_strand_id
1 'polypeptide(L)'
;MGFLKLIEIENFKSYKGRQIIGPFQRFTAIIGPNGSGKSNLMDAISFVLGEKTSNLRVKTLRDLIHGAPVGKPAANRAFV
SMVYSEEGAEDRTFARVIVGGSSEYKINNKVVQLHEYSEELEKLGILIKARNFLVFQGAVESIAMKNPKERTALFEEISR
SGELAQEYDKRKKEMVKAEEDTQFNYHRKKNIAAERKEAKESSKHPTSLVPRGSDAQAEEEIKQEMNTLQQKLNEQQSVL
QRIAAPNMKAMEKLESVRDKFQETSDEFEAARKRAKKAKQAFEQIKKERFDRFNACFESVATNIDEIYKALSRNSSAQAF
LGPENPEEPYLDGINYNCVAPGKRFRPMDNLSGGEKTVAALALLFAIHSYKPAPFFVLDQIDAALDNTNIGKVANYIKEQ
STCNFQAIVISLKEEFYTKAESLIGVYPEQGDCVISKVLTFDLTKYPDANPNPNEQ
;
A,C
2 'polypeptide(L)'
;MKRTQQMLHGLQRALAKTGAESISLLELCRNTNRKQAAAKFYSFLVLKKQQAIELTQEEPYSDIIATPGPRFHGSLEVLF
Q
;
B,D
#
loop_
_chem_comp.id
_chem_comp.type
_chem_comp.name
_chem_comp.formula
B3P non-polymer 2-[3-(2-HYDROXY-1,1-DIHYDROXYMETHYL-ETHYLAMINO)-PROPYLAMINO]-2-HYDROXYMETHYL-PROPANE-1,3-DIOL 'C11 H26 N2 O6'
#
# COMPACT_ATOMS: atom_id res chain seq x y z
N GLY A 2 32.41 -3.22 13.52
CA GLY A 2 32.14 -4.62 13.21
C GLY A 2 30.72 -4.83 12.72
N PHE A 3 30.17 -6.02 12.95
CA PHE A 3 28.98 -6.49 12.26
CA PHE A 3 28.91 -6.39 12.32
C PHE A 3 28.18 -7.39 13.19
N LEU A 4 26.85 -7.27 13.18
CA LEU A 4 26.02 -8.26 13.84
C LEU A 4 25.89 -9.42 12.85
N LYS A 5 26.58 -10.53 13.13
CA LYS A 5 26.61 -11.63 12.17
C LYS A 5 25.40 -12.56 12.32
N LEU A 6 25.07 -12.92 13.56
CA LEU A 6 23.94 -13.80 13.73
C LEU A 6 23.37 -13.63 15.12
N ILE A 7 22.14 -14.07 15.27
CA ILE A 7 21.49 -14.16 16.56
C ILE A 7 21.11 -15.62 16.78
N GLU A 8 21.47 -16.15 17.94
CA GLU A 8 21.08 -17.50 18.33
C GLU A 8 20.11 -17.40 19.48
N ILE A 9 18.99 -18.10 19.38
CA ILE A 9 17.91 -18.00 20.35
C ILE A 9 17.58 -19.39 20.85
N GLU A 10 17.21 -19.49 22.12
CA GLU A 10 16.73 -20.76 22.66
C GLU A 10 15.56 -20.47 23.58
N ASN A 11 14.36 -20.91 23.18
CA ASN A 11 13.18 -20.87 24.04
C ASN A 11 12.87 -19.47 24.54
N PHE A 12 13.02 -18.46 23.69
CA PHE A 12 12.73 -17.08 24.06
C PHE A 12 11.44 -16.64 23.40
N LYS A 13 10.43 -16.31 24.23
CA LYS A 13 9.07 -15.93 23.77
C LYS A 13 8.60 -16.98 22.77
N SER A 14 8.12 -16.61 21.58
CA SER A 14 7.60 -17.61 20.66
C SER A 14 8.69 -18.41 19.98
N TYR A 15 9.97 -18.09 20.18
CA TYR A 15 11.04 -18.82 19.49
C TYR A 15 11.40 -20.04 20.32
N LYS A 16 10.55 -21.05 20.20
CA LYS A 16 10.74 -22.34 20.87
C LYS A 16 11.95 -23.07 20.31
N GLY A 17 12.65 -23.80 21.20
CA GLY A 17 13.80 -24.58 20.79
C GLY A 17 14.98 -23.69 20.48
N ARG A 18 16.01 -24.29 19.91
CA ARG A 18 17.23 -23.57 19.54
C ARG A 18 17.16 -23.17 18.08
N GLN A 19 17.29 -21.87 17.80
CA GLN A 19 17.16 -21.37 16.44
C GLN A 19 18.31 -20.42 16.11
N ILE A 20 18.83 -20.53 14.89
CA ILE A 20 19.76 -19.55 14.36
C ILE A 20 18.99 -18.53 13.52
N ILE A 21 19.18 -17.25 13.84
CA ILE A 21 18.58 -16.15 13.08
C ILE A 21 19.68 -15.51 12.25
N GLY A 22 19.58 -15.63 10.94
CA GLY A 22 20.61 -15.08 10.09
C GLY A 22 21.39 -16.20 9.43
N PRO A 23 22.63 -15.94 9.02
CA PRO A 23 23.45 -14.73 9.14
C PRO A 23 22.85 -13.51 8.49
N PHE A 24 23.17 -12.35 9.03
CA PHE A 24 22.75 -11.06 8.49
C PHE A 24 23.72 -10.60 7.42
N GLN A 25 23.19 -9.88 6.43
CA GLN A 25 23.99 -9.20 5.44
C GLN A 25 24.11 -7.73 5.85
N ARG A 26 24.77 -6.93 5.00
CA ARG A 26 24.90 -5.52 5.33
C ARG A 26 23.54 -4.84 5.41
N PHE A 27 22.57 -5.33 4.65
CA PHE A 27 21.21 -4.80 4.66
C PHE A 27 20.28 -6.01 4.69
N THR A 28 19.63 -6.25 5.83
CA THR A 28 18.74 -7.37 6.01
C THR A 28 17.38 -6.87 6.50
N ALA A 29 16.30 -7.34 5.88
CA ALA A 29 14.94 -7.02 6.30
C ALA A 29 14.30 -8.24 6.96
N ILE A 30 13.66 -8.01 8.10
CA ILE A 30 12.89 -9.02 8.80
C ILE A 30 11.43 -8.78 8.43
N ILE A 31 10.79 -9.79 7.83
CA ILE A 31 9.44 -9.62 7.31
C ILE A 31 8.59 -10.81 7.72
N GLY A 32 7.27 -10.66 7.57
CA GLY A 32 6.42 -11.80 7.80
C GLY A 32 5.01 -11.36 8.03
N PRO A 33 4.07 -12.30 7.95
CA PRO A 33 2.66 -11.93 8.12
C PRO A 33 2.37 -11.58 9.57
N ASN A 34 1.24 -10.89 9.76
CA ASN A 34 0.86 -10.42 11.08
C ASN A 34 0.98 -11.52 12.12
N GLY A 35 1.69 -11.22 13.20
N GLY A 35 1.55 -11.18 13.27
CA GLY A 35 1.97 -12.18 14.23
CA GLY A 35 1.60 -12.12 14.37
C GLY A 35 2.91 -11.69 15.31
C GLY A 35 2.50 -13.32 14.17
N SER A 36 2.99 -12.46 16.39
N SER A 36 3.33 -13.30 13.14
CA SER A 36 3.88 -12.13 17.48
CA SER A 36 4.24 -14.41 12.90
C SER A 36 5.34 -12.20 17.08
C SER A 36 5.25 -14.52 14.03
N GLY A 37 5.64 -12.86 15.96
N GLY A 37 5.87 -13.40 14.42
CA GLY A 37 7.02 -13.26 15.69
CA GLY A 37 6.87 -13.32 15.48
C GLY A 37 7.96 -12.10 15.46
C GLY A 37 7.89 -12.20 15.37
N LYS A 38 7.57 -11.15 14.61
CA LYS A 38 8.53 -10.08 14.33
C LYS A 38 8.82 -9.24 15.57
N SER A 39 7.79 -8.85 16.32
CA SER A 39 8.04 -8.04 17.51
C SER A 39 8.79 -8.84 18.57
N ASN A 40 8.56 -10.15 18.64
CA ASN A 40 9.32 -10.99 19.56
C ASN A 40 10.79 -11.04 19.19
N LEU A 41 11.10 -11.00 17.90
CA LEU A 41 12.50 -10.97 17.48
C LEU A 41 13.12 -9.62 17.81
N MET A 42 12.37 -8.52 17.63
CA MET A 42 12.86 -7.22 18.08
C MET A 42 13.14 -7.24 19.58
N ASP A 43 12.24 -7.85 20.36
CA ASP A 43 12.47 -7.98 21.81
C ASP A 43 13.71 -8.81 22.12
N ALA A 44 13.99 -9.85 21.31
CA ALA A 44 15.18 -10.65 21.53
C ALA A 44 16.44 -9.83 21.34
N ILE A 45 16.44 -8.98 20.30
CA ILE A 45 17.57 -8.09 20.07
C ILE A 45 17.73 -7.12 21.23
N SER A 46 16.62 -6.51 21.67
CA SER A 46 16.71 -5.60 22.80
C SER A 46 17.21 -6.33 24.04
N PHE A 47 16.68 -7.52 24.27
CA PHE A 47 17.05 -8.32 25.45
C PHE A 47 18.55 -8.65 25.45
N VAL A 48 19.08 -9.15 24.33
CA VAL A 48 20.51 -9.46 24.33
C VAL A 48 21.36 -8.19 24.47
N LEU A 49 20.80 -7.03 24.12
CA LEU A 49 21.51 -5.78 24.32
C LEU A 49 21.15 -5.12 25.64
N GLY A 50 20.68 -5.91 26.60
CA GLY A 50 20.60 -5.49 27.99
C GLY A 50 19.33 -4.78 28.40
N GLU A 51 18.28 -4.83 27.58
CA GLU A 51 17.07 -4.09 27.91
C GLU A 51 16.48 -4.55 29.24
N LYS A 52 15.85 -3.60 29.92
CA LYS A 52 15.20 -3.85 31.20
C LYS A 52 13.93 -4.64 31.01
N THR A 53 13.61 -5.45 32.04
CA THR A 53 12.42 -6.29 32.06
C THR A 53 11.15 -5.49 31.73
N SER A 54 10.99 -4.33 32.35
CA SER A 54 9.79 -3.52 32.17
C SER A 54 9.63 -3.03 30.74
N ASN A 55 10.68 -3.10 29.92
CA ASN A 55 10.61 -2.67 28.54
C ASN A 55 10.49 -3.84 27.57
N LEU A 56 10.25 -5.05 28.07
CA LEU A 56 10.18 -6.25 27.23
C LEU A 56 8.79 -6.87 27.26
N ARG A 57 7.78 -6.09 27.65
CA ARG A 57 6.37 -6.50 27.60
C ARG A 57 6.09 -7.69 28.51
N VAL A 58 6.83 -7.78 29.62
CA VAL A 58 6.58 -8.79 30.66
C VAL A 58 6.76 -8.10 32.01
N LYS A 59 6.22 -8.75 33.05
CA LYS A 59 6.38 -8.29 34.42
CA LYS A 59 6.40 -8.26 34.41
C LYS A 59 7.47 -9.04 35.17
N THR A 60 7.86 -10.20 34.66
CA THR A 60 8.92 -11.01 35.27
CA THR A 60 8.85 -11.07 35.27
C THR A 60 9.81 -11.53 34.17
N LEU A 61 11.10 -11.65 34.47
CA LEU A 61 12.03 -12.18 33.46
C LEU A 61 11.69 -13.61 33.08
N ARG A 62 11.18 -14.40 34.03
CA ARG A 62 10.83 -15.79 33.78
C ARG A 62 9.79 -15.90 32.69
N ASP A 63 8.95 -14.88 32.53
CA ASP A 63 7.88 -14.97 31.53
C ASP A 63 8.40 -14.82 30.11
N LEU A 64 9.69 -14.53 29.92
CA LEU A 64 10.28 -14.57 28.57
C LEU A 64 10.60 -15.97 28.11
N ILE A 65 10.50 -16.97 28.97
CA ILE A 65 10.77 -18.34 28.55
C ILE A 65 9.55 -18.83 27.78
N HIS A 66 9.77 -19.50 26.66
CA HIS A 66 8.65 -19.97 25.83
C HIS A 66 7.65 -20.75 26.67
N GLY A 67 6.37 -20.36 26.58
CA GLY A 67 5.33 -21.05 27.32
C GLY A 67 5.11 -20.59 28.75
N ALA A 68 6.09 -19.92 29.37
CA ALA A 68 5.91 -19.44 30.73
C ALA A 68 4.68 -18.54 30.93
N PRO A 69 4.29 -17.67 29.99
CA PRO A 69 3.12 -16.81 30.26
C PRO A 69 1.84 -17.57 30.55
N VAL A 70 1.68 -18.79 30.03
CA VAL A 70 0.46 -19.56 30.30
C VAL A 70 0.74 -20.76 31.20
N GLY A 71 1.85 -20.74 31.94
CA GLY A 71 2.11 -21.79 32.89
C GLY A 71 2.60 -23.09 32.28
N LYS A 72 3.11 -23.05 31.06
CA LYS A 72 3.63 -24.25 30.38
C LYS A 72 5.03 -23.97 29.84
N PRO A 73 5.97 -23.62 30.71
CA PRO A 73 7.30 -23.27 30.22
C PRO A 73 7.97 -24.46 29.56
N ALA A 74 8.63 -24.20 28.43
CA ALA A 74 9.31 -25.27 27.72
C ALA A 74 10.58 -25.72 28.43
N ALA A 75 11.09 -24.93 29.36
CA ALA A 75 12.39 -25.17 29.96
C ALA A 75 12.49 -24.27 31.19
N ASN A 76 13.55 -24.48 31.99
CA ASN A 76 13.82 -23.57 33.09
C ASN A 76 14.89 -22.55 32.75
N ARG A 77 15.30 -22.50 31.47
CA ARG A 77 16.30 -21.56 30.95
C ARG A 77 15.83 -21.07 29.60
N ALA A 78 16.31 -19.88 29.23
CA ALA A 78 16.20 -19.38 27.85
C ALA A 78 17.43 -18.50 27.60
N PHE A 79 17.77 -18.30 26.33
CA PHE A 79 18.82 -17.33 26.10
C PHE A 79 18.69 -16.70 24.72
N VAL A 80 19.33 -15.55 24.60
CA VAL A 80 19.59 -14.95 23.31
C VAL A 80 21.08 -14.66 23.28
N SER A 81 21.69 -14.94 22.13
CA SER A 81 23.12 -14.73 21.94
C SER A 81 23.32 -13.95 20.66
N MET A 82 24.24 -12.97 20.69
CA MET A 82 24.62 -12.20 19.51
C MET A 82 26.08 -12.50 19.17
N VAL A 83 26.32 -12.91 17.93
CA VAL A 83 27.68 -13.07 17.42
C VAL A 83 28.06 -11.80 16.68
N TYR A 84 29.09 -11.15 17.17
CA TYR A 84 29.58 -9.89 16.61
C TYR A 84 30.88 -10.17 15.92
N SER A 85 30.98 -9.83 14.63
CA SER A 85 32.20 -10.09 13.90
C SER A 85 32.89 -8.78 13.57
N GLU A 86 34.19 -8.88 13.33
CA GLU A 86 35.01 -7.70 13.07
C GLU A 86 36.19 -8.16 12.22
N GLU A 87 36.39 -7.50 11.09
CA GLU A 87 37.47 -7.89 10.18
C GLU A 87 38.81 -7.84 10.91
N GLY A 88 39.56 -8.93 10.82
CA GLY A 88 40.84 -9.05 11.47
C GLY A 88 40.81 -9.52 12.90
N ALA A 89 39.64 -9.89 13.43
CA ALA A 89 39.56 -10.33 14.82
C ALA A 89 38.67 -11.56 14.92
N GLU A 90 38.85 -12.32 16.01
CA GLU A 90 37.94 -13.40 16.30
C GLU A 90 36.54 -12.86 16.58
N ASP A 91 35.53 -13.67 16.26
CA ASP A 91 34.16 -13.36 16.62
C ASP A 91 34.02 -13.20 18.14
N ARG A 92 33.12 -12.32 18.56
CA ARG A 92 32.77 -12.18 19.97
CA ARG A 92 32.78 -12.17 19.97
C ARG A 92 31.32 -12.54 20.16
N THR A 93 31.02 -13.32 21.18
CA THR A 93 29.63 -13.72 21.43
C THR A 93 29.15 -13.08 22.73
N PHE A 94 28.03 -12.36 22.63
CA PHE A 94 27.39 -11.71 23.76
C PHE A 94 26.09 -12.45 24.04
N ALA A 95 25.95 -13.00 25.25
CA ALA A 95 24.72 -13.73 25.55
C ALA A 95 24.11 -13.25 26.85
N ARG A 96 22.78 -13.31 26.91
CA ARG A 96 22.03 -13.11 28.14
C ARG A 96 21.16 -14.34 28.36
N VAL A 97 21.31 -14.99 29.51
CA VAL A 97 20.63 -16.24 29.81
C VAL A 97 19.68 -15.98 30.97
N ILE A 98 18.48 -16.55 30.89
CA ILE A 98 17.54 -16.50 32.00
C ILE A 98 17.74 -17.77 32.81
N VAL A 99 18.34 -17.62 34.00
CA VAL A 99 18.70 -18.74 34.86
C VAL A 99 18.13 -18.47 36.24
N GLY A 100 17.31 -19.39 36.74
CA GLY A 100 16.71 -19.17 38.04
C GLY A 100 15.85 -17.93 38.11
N GLY A 101 15.32 -17.49 36.96
CA GLY A 101 14.48 -16.31 36.93
C GLY A 101 15.20 -14.99 36.78
N SER A 102 16.53 -14.96 36.70
CA SER A 102 17.25 -13.70 36.53
C SER A 102 18.35 -13.83 35.49
N SER A 103 18.94 -12.69 35.14
CA SER A 103 19.85 -12.64 34.00
C SER A 103 21.25 -13.11 34.37
N GLU A 104 21.81 -13.95 33.52
CA GLU A 104 23.22 -14.26 33.50
C GLU A 104 23.79 -13.71 32.20
N TYR A 105 24.79 -12.86 32.30
CA TYR A 105 25.42 -12.27 31.13
C TYR A 105 26.72 -13.01 30.84
N LYS A 106 26.98 -13.24 29.56
CA LYS A 106 28.19 -13.96 29.14
C LYS A 106 28.82 -13.25 27.96
N ILE A 107 30.15 -13.21 27.95
CA ILE A 107 30.90 -12.77 26.78
C ILE A 107 31.85 -13.89 26.41
N ASN A 108 31.67 -14.47 25.22
CA ASN A 108 32.45 -15.65 24.83
C ASN A 108 32.35 -16.76 25.88
N ASN A 109 31.13 -16.96 26.39
CA ASN A 109 30.78 -17.98 27.39
C ASN A 109 31.39 -17.71 28.75
N LYS A 110 32.11 -16.61 28.95
CA LYS A 110 32.57 -16.18 30.27
C LYS A 110 31.48 -15.37 30.95
N VAL A 111 31.04 -15.83 32.13
CA VAL A 111 30.05 -15.09 32.91
C VAL A 111 30.63 -13.75 33.34
N VAL A 112 29.88 -12.68 33.10
CA VAL A 112 30.28 -11.33 33.49
C VAL A 112 29.09 -10.64 34.14
N GLN A 113 29.38 -9.55 34.84
CA GLN A 113 28.31 -8.72 35.35
C GLN A 113 27.84 -7.74 34.29
N LEU A 114 26.64 -7.18 34.51
CA LEU A 114 26.07 -6.27 33.52
C LEU A 114 26.97 -5.07 33.26
N HIS A 115 27.67 -4.56 34.29
CA HIS A 115 28.55 -3.42 34.08
CA HIS A 115 28.54 -3.42 34.08
C HIS A 115 29.62 -3.72 33.04
N GLU A 116 30.22 -4.91 33.10
CA GLU A 116 31.26 -5.28 32.15
C GLU A 116 30.69 -5.58 30.78
N TYR A 117 29.54 -6.26 30.75
CA TYR A 117 28.82 -6.48 29.48
C TYR A 117 28.56 -5.15 28.78
N SER A 118 28.02 -4.18 29.50
CA SER A 118 27.74 -2.87 28.94
C SER A 118 29.02 -2.19 28.48
N GLU A 119 30.09 -2.30 29.28
CA GLU A 119 31.35 -1.66 28.93
C GLU A 119 31.93 -2.27 27.67
N GLU A 120 31.87 -3.59 27.54
CA GLU A 120 32.45 -4.25 26.37
C GLU A 120 31.65 -3.94 25.12
N LEU A 121 30.32 -3.83 25.24
CA LEU A 121 29.53 -3.38 24.11
C LEU A 121 29.84 -1.92 23.76
N GLU A 122 30.06 -1.08 24.78
CA GLU A 122 30.35 0.33 24.50
C GLU A 122 31.63 0.49 23.70
N LYS A 123 32.63 -0.34 23.98
CA LYS A 123 33.89 -0.31 23.22
C LYS A 123 33.68 -0.62 21.74
N LEU A 124 32.58 -1.27 21.39
CA LEU A 124 32.23 -1.55 20.01
C LEU A 124 31.34 -0.47 19.39
N GLY A 125 30.97 0.55 20.15
CA GLY A 125 30.05 1.55 19.64
C GLY A 125 28.60 1.24 19.90
N ILE A 126 28.30 0.26 20.75
CA ILE A 126 26.93 -0.16 21.04
C ILE A 126 26.60 0.34 22.43
N LEU A 127 25.70 1.31 22.52
CA LEU A 127 25.43 2.01 23.78
C LEU A 127 24.08 1.51 24.30
N ILE A 128 24.10 0.61 25.27
CA ILE A 128 22.86 -0.07 25.59
C ILE A 128 21.94 0.79 26.44
N LYS A 129 22.47 1.77 27.16
CA LYS A 129 21.60 2.66 27.91
C LYS A 129 20.98 3.70 26.99
N ALA A 130 21.79 4.27 26.10
CA ALA A 130 21.32 5.23 25.12
C ALA A 130 20.48 4.59 24.02
N ARG A 131 20.66 3.29 23.76
CA ARG A 131 20.00 2.61 22.66
C ARG A 131 20.30 3.31 21.33
N ASN A 132 21.59 3.61 21.10
CA ASN A 132 21.96 4.36 19.91
C ASN A 132 21.76 3.54 18.64
N PHE A 133 21.60 2.23 18.77
CA PHE A 133 21.45 1.31 17.65
C PHE A 133 20.01 1.18 17.19
N LEU A 134 19.05 1.78 17.89
CA LEU A 134 17.64 1.49 17.68
C LEU A 134 16.90 2.70 17.17
N VAL A 135 16.10 2.51 16.13
CA VAL A 135 15.09 3.49 15.74
C VAL A 135 13.76 2.81 16.02
N PHE A 136 13.15 3.21 17.13
CA PHE A 136 11.90 2.64 17.59
C PHE A 136 10.75 3.04 16.69
N GLN A 137 9.70 2.22 16.70
CA GLN A 137 8.51 2.56 15.92
C GLN A 137 7.92 3.88 16.42
N GLY A 138 7.68 4.81 15.49
CA GLY A 138 7.26 6.13 15.86
C GLY A 138 8.36 7.14 16.09
N ALA A 139 9.62 6.78 15.88
CA ALA A 139 10.69 7.75 16.12
C ALA A 139 10.65 8.91 15.13
N VAL A 140 10.19 8.65 13.89
CA VAL A 140 10.13 9.72 12.89
C VAL A 140 9.14 10.79 13.33
N GLU A 141 7.94 10.37 13.70
CA GLU A 141 6.91 11.31 14.13
C GLU A 141 7.32 12.02 15.42
N SER A 142 8.06 11.35 16.30
CA SER A 142 8.53 12.02 17.52
C SER A 142 9.50 13.15 17.19
N ILE A 143 10.38 12.94 16.23
CA ILE A 143 11.33 13.98 15.84
C ILE A 143 10.61 15.10 15.11
N ALA A 144 9.66 14.74 14.25
CA ALA A 144 8.90 15.71 13.48
C ALA A 144 8.21 16.75 14.36
N MET A 145 7.86 16.38 15.58
CA MET A 145 7.04 17.24 16.44
C MET A 145 7.84 18.07 17.42
N LYS A 146 9.16 17.94 17.46
CA LYS A 146 9.94 18.68 18.44
C LYS A 146 10.15 20.12 17.99
N ASN A 147 9.83 21.06 18.87
CA ASN A 147 10.01 22.49 18.59
C ASN A 147 11.50 22.81 18.77
N PRO A 148 11.92 24.06 18.47
CA PRO A 148 13.35 24.37 18.60
C PRO A 148 13.93 24.09 19.98
N LYS A 149 13.20 24.37 21.05
CA LYS A 149 13.75 24.12 22.38
C LYS A 149 13.78 22.63 22.71
N GLU A 150 12.84 21.86 22.17
CA GLU A 150 12.89 20.42 22.37
C GLU A 150 14.02 19.80 21.56
N ARG A 151 14.41 20.42 20.44
CA ARG A 151 15.60 19.96 19.75
C ARG A 151 16.84 20.21 20.59
N THR A 152 16.95 21.38 21.21
CA THR A 152 18.09 21.67 22.06
C THR A 152 18.17 20.68 23.21
N ALA A 153 17.02 20.33 23.80
CA ALA A 153 16.99 19.31 24.84
C ALA A 153 17.58 18.00 24.33
N LEU A 154 17.17 17.58 23.13
CA LEU A 154 17.69 16.34 22.57
C LEU A 154 19.19 16.40 22.34
N PHE A 155 19.70 17.55 21.86
CA PHE A 155 21.14 17.68 21.64
C PHE A 155 21.91 17.68 22.94
N GLU A 156 21.33 18.23 24.00
CA GLU A 156 22.00 18.18 25.29
C GLU A 156 22.05 16.76 25.84
N GLU A 157 21.05 15.94 25.52
CA GLU A 157 21.03 14.57 26.00
C GLU A 157 22.08 13.73 25.27
N ILE A 158 22.07 13.78 23.94
CA ILE A 158 22.96 12.92 23.16
C ILE A 158 24.41 13.38 23.28
N SER A 159 24.66 14.68 23.42
CA SER A 159 26.02 15.18 23.55
C SER A 159 26.56 15.10 24.96
N ARG A 160 25.73 14.72 25.93
CA ARG A 160 26.10 14.75 27.35
C ARG A 160 26.49 16.14 27.82
N SER A 161 26.18 17.18 27.04
CA SER A 161 26.34 18.53 27.56
C SER A 161 25.30 18.82 28.63
N GLY A 162 24.14 18.16 28.56
CA GLY A 162 23.12 18.32 29.57
C GLY A 162 23.54 17.82 30.95
N GLU A 163 24.52 16.93 31.02
CA GLU A 163 25.06 16.52 32.30
C GLU A 163 25.80 17.63 33.03
N LEU A 164 26.15 18.72 32.33
CA LEU A 164 26.81 19.85 32.98
C LEU A 164 25.85 20.99 33.30
N ALA A 165 24.55 20.80 33.07
CA ALA A 165 23.61 21.92 33.21
C ALA A 165 23.54 22.42 34.65
N GLN A 166 23.30 21.51 35.59
CA GLN A 166 23.15 21.94 36.99
C GLN A 166 24.40 22.65 37.49
N GLU A 167 25.58 22.09 37.21
CA GLU A 167 26.82 22.76 37.59
C GLU A 167 26.94 24.12 36.94
N TYR A 168 26.59 24.21 35.65
CA TYR A 168 26.57 25.51 34.96
C TYR A 168 25.64 26.49 35.69
N ASP A 169 24.43 26.04 36.01
CA ASP A 169 23.48 26.93 36.67
C ASP A 169 24.00 27.36 38.04
N LYS A 170 24.60 26.43 38.78
CA LYS A 170 25.07 26.76 40.12
C LYS A 170 26.31 27.64 40.08
N ARG A 171 27.25 27.35 39.17
CA ARG A 171 28.41 28.23 39.03
C ARG A 171 28.00 29.61 38.52
N LYS A 172 26.97 29.69 37.68
CA LYS A 172 26.50 30.99 37.22
C LYS A 172 25.87 31.77 38.36
N LYS A 173 25.10 31.08 39.21
CA LYS A 173 24.49 31.74 40.37
C LYS A 173 25.55 32.33 41.29
N GLU A 174 26.63 31.57 41.55
CA GLU A 174 27.69 32.08 42.39
C GLU A 174 28.37 33.29 41.74
N MET A 175 28.62 33.22 40.43
CA MET A 175 29.26 34.34 39.74
C MET A 175 28.43 35.61 39.85
N VAL A 176 27.11 35.49 39.69
CA VAL A 176 26.23 36.67 39.76
C VAL A 176 26.32 37.29 41.14
N LYS A 177 26.30 36.46 42.19
CA LYS A 177 26.39 37.00 43.55
C LYS A 177 27.71 37.74 43.76
N ALA A 178 28.83 37.10 43.41
CA ALA A 178 30.14 37.71 43.61
C ALA A 178 30.29 38.99 42.80
N GLU A 179 29.70 39.05 41.60
CA GLU A 179 29.74 40.28 40.83
C GLU A 179 28.87 41.36 41.46
N GLU A 180 27.73 40.96 42.05
CA GLU A 180 26.85 41.94 42.68
C GLU A 180 27.53 42.62 43.86
N ASP A 181 28.34 41.87 44.62
CA ASP A 181 29.05 42.46 45.75
C ASP A 181 29.98 43.59 45.29
N THR A 182 30.89 43.29 44.38
CA THR A 182 31.81 44.28 43.86
C THR A 182 31.11 45.23 42.89
N PHE A 268 37.98 45.09 50.18
CA PHE A 268 37.85 45.92 48.98
C PHE A 268 38.40 45.21 47.74
N GLU A 269 39.72 45.02 47.73
CA GLU A 269 40.38 44.30 46.66
C GLU A 269 40.05 42.81 46.71
N ALA A 270 39.81 42.27 47.91
CA ALA A 270 39.46 40.85 48.03
C ALA A 270 38.10 40.56 47.41
N ALA A 271 37.18 41.53 47.42
CA ALA A 271 35.91 41.36 46.72
C ALA A 271 36.13 41.28 45.21
N ARG A 272 36.99 42.14 44.67
CA ARG A 272 37.38 42.03 43.26
C ARG A 272 37.97 40.67 42.96
N LYS A 273 38.81 40.16 43.87
CA LYS A 273 39.44 38.86 43.66
C LYS A 273 38.40 37.74 43.67
N ARG A 274 37.39 37.82 44.54
CA ARG A 274 36.40 36.74 44.59
C ARG A 274 35.52 36.74 43.34
N ALA A 275 35.17 37.92 42.83
CA ALA A 275 34.34 37.98 41.64
C ALA A 275 35.09 37.47 40.41
N LYS A 276 36.37 37.82 40.28
CA LYS A 276 37.16 37.34 39.16
C LYS A 276 37.24 35.82 39.13
N LYS A 277 37.55 35.21 40.27
CA LYS A 277 37.58 33.76 40.34
C LYS A 277 36.20 33.15 40.11
N ALA A 278 35.14 33.89 40.47
CA ALA A 278 33.78 33.38 40.28
C ALA A 278 33.45 33.23 38.79
N LYS A 279 33.71 34.27 38.00
CA LYS A 279 33.40 34.19 36.58
C LYS A 279 34.38 33.26 35.86
N GLN A 280 35.61 33.17 36.34
CA GLN A 280 36.57 32.22 35.77
C GLN A 280 36.08 30.79 35.93
N ALA A 281 35.66 30.42 37.13
CA ALA A 281 35.12 29.08 37.34
C ALA A 281 33.85 28.85 36.54
N PHE A 282 33.07 29.92 36.32
CA PHE A 282 31.87 29.81 35.51
C PHE A 282 32.22 29.67 34.03
N GLU A 283 33.14 30.49 33.53
CA GLU A 283 33.58 30.36 32.14
C GLU A 283 34.13 28.97 31.86
N GLN A 284 34.75 28.34 32.87
CA GLN A 284 35.26 26.99 32.70
C GLN A 284 34.14 26.01 32.36
N ILE A 285 33.07 26.02 33.17
CA ILE A 285 31.96 25.09 32.92
C ILE A 285 31.19 25.52 31.67
N LYS A 286 31.10 26.82 31.41
CA LYS A 286 30.48 27.32 30.19
C LYS A 286 31.24 26.84 28.96
N LYS A 287 32.56 27.03 28.96
CA LYS A 287 33.38 26.52 27.86
C LYS A 287 33.21 25.01 27.71
N GLU A 288 33.15 24.28 28.82
CA GLU A 288 33.05 22.82 28.74
C GLU A 288 31.68 22.38 28.23
N ARG A 289 30.61 23.06 28.67
CA ARG A 289 29.28 22.73 28.19
C ARG A 289 29.12 23.09 26.71
N PHE A 290 29.74 24.19 26.31
CA PHE A 290 29.71 24.59 24.91
C PHE A 290 30.44 23.57 24.05
N ASP A 291 31.62 23.16 24.48
CA ASP A 291 32.43 22.24 23.67
C ASP A 291 31.74 20.90 23.51
N ARG A 292 31.15 20.37 24.58
CA ARG A 292 30.43 19.12 24.46
C ARG A 292 29.21 19.27 23.54
N PHE A 293 28.45 20.34 23.71
CA PHE A 293 27.30 20.58 22.83
C PHE A 293 27.76 20.73 21.39
N ASN A 294 28.76 21.59 21.16
CA ASN A 294 29.20 21.94 19.82
C ASN A 294 29.78 20.74 19.09
N ALA A 295 30.50 19.87 19.81
CA ALA A 295 31.10 18.71 19.17
C ALA A 295 30.03 17.82 18.54
N CYS A 296 28.92 17.62 19.24
CA CYS A 296 27.80 16.88 18.69
C CYS A 296 27.05 17.70 17.64
N PHE A 297 26.61 18.91 18.00
CA PHE A 297 25.73 19.68 17.11
C PHE A 297 26.39 19.94 15.76
N GLU A 298 27.65 20.37 15.77
CA GLU A 298 28.30 20.72 14.51
C GLU A 298 28.45 19.50 13.60
N SER A 299 28.61 18.30 14.17
CA SER A 299 28.65 17.11 13.33
CA SER A 299 28.65 17.11 13.33
C SER A 299 27.29 16.86 12.69
N VAL A 300 26.23 16.87 13.49
CA VAL A 300 24.89 16.68 12.97
C VAL A 300 24.57 17.76 11.94
N ALA A 301 24.88 19.01 12.29
CA ALA A 301 24.58 20.10 11.38
C ALA A 301 25.36 20.01 10.08
N THR A 302 26.59 19.48 10.14
CA THR A 302 27.38 19.34 8.92
C THR A 302 26.83 18.24 8.01
N ASN A 303 26.26 17.19 8.58
CA ASN A 303 25.82 16.04 7.81
C ASN A 303 24.40 16.17 7.26
N ILE A 304 23.56 16.99 7.87
CA ILE A 304 22.14 16.92 7.56
C ILE A 304 21.83 17.31 6.11
N ASP A 305 22.61 18.22 5.50
CA ASP A 305 22.28 18.65 4.15
C ASP A 305 22.40 17.49 3.15
N GLU A 306 23.54 16.79 3.16
CA GLU A 306 23.72 15.68 2.23
C GLU A 306 22.69 14.59 2.46
N ILE A 307 22.37 14.31 3.73
CA ILE A 307 21.35 13.33 4.05
C ILE A 307 20.01 13.74 3.45
N TYR A 308 19.64 15.01 3.62
CA TYR A 308 18.38 15.51 3.08
C TYR A 308 18.38 15.49 1.55
N LYS A 309 19.53 15.76 0.92
CA LYS A 309 19.64 15.62 -0.53
C LYS A 309 19.47 14.16 -0.95
N ALA A 310 20.11 13.24 -0.21
CA ALA A 310 20.03 11.81 -0.54
C ALA A 310 18.62 11.29 -0.34
N LEU A 311 17.99 11.61 0.78
CA LEU A 311 16.61 11.18 1.02
C LEU A 311 15.67 11.76 -0.02
N SER A 312 15.86 13.04 -0.37
CA SER A 312 15.02 13.67 -1.38
C SER A 312 15.34 13.18 -2.78
N ARG A 313 16.52 12.61 -3.00
CA ARG A 313 17.03 12.27 -4.33
C ARG A 313 16.95 13.49 -5.25
N ASN A 314 17.38 14.63 -4.72
CA ASN A 314 17.26 15.89 -5.44
C ASN A 314 18.42 16.80 -5.04
N SER A 315 19.18 17.26 -6.04
CA SER A 315 20.35 18.09 -5.77
C SER A 315 19.97 19.44 -5.19
N SER A 316 18.75 19.91 -5.45
CA SER A 316 18.35 21.25 -5.06
C SER A 316 17.76 21.33 -3.65
N ALA A 317 17.44 20.20 -3.03
CA ALA A 317 16.96 20.23 -1.65
C ALA A 317 18.07 20.71 -0.73
N GLN A 318 17.70 21.48 0.30
CA GLN A 318 18.69 21.98 1.24
C GLN A 318 18.13 21.94 2.65
N ALA A 319 19.01 21.68 3.62
CA ALA A 319 18.64 21.54 5.02
C ALA A 319 19.64 22.28 5.89
N PHE A 320 19.14 22.99 6.90
CA PHE A 320 19.97 23.86 7.74
C PHE A 320 19.53 23.79 9.19
N LEU A 321 20.49 23.52 10.08
CA LEU A 321 20.33 23.62 11.51
C LEU A 321 21.10 24.84 12.00
N GLY A 322 20.49 25.61 12.88
CA GLY A 322 21.13 26.79 13.40
C GLY A 322 20.67 27.14 14.79
N PRO A 323 21.61 27.39 15.70
CA PRO A 323 21.22 27.79 17.06
C PRO A 323 20.67 29.19 17.07
N GLU A 324 19.56 29.36 17.80
CA GLU A 324 19.02 30.70 18.04
C GLU A 324 20.00 31.55 18.84
N ASN A 325 20.83 30.92 19.67
CA ASN A 325 21.85 31.59 20.47
C ASN A 325 23.19 30.97 20.13
N PRO A 326 23.89 31.49 19.12
CA PRO A 326 25.13 30.85 18.68
C PRO A 326 26.21 30.78 19.76
N GLU A 327 26.30 31.80 20.61
CA GLU A 327 27.35 31.83 21.62
C GLU A 327 27.10 30.77 22.69
N GLU A 328 25.83 30.55 23.06
CA GLU A 328 25.47 29.54 24.04
C GLU A 328 24.26 28.77 23.55
N PRO A 329 24.45 27.83 22.62
CA PRO A 329 23.30 27.18 21.96
C PRO A 329 22.38 26.44 22.92
N TYR A 330 22.92 25.89 24.01
CA TYR A 330 22.13 25.15 24.98
C TYR A 330 21.11 26.03 25.69
N LEU A 331 21.24 27.35 25.62
CA LEU A 331 20.31 28.24 26.30
C LEU A 331 19.05 28.54 25.49
N ASP A 332 19.05 28.29 24.19
CA ASP A 332 17.90 28.63 23.36
C ASP A 332 17.62 27.48 22.40
N GLY A 333 16.76 27.72 21.41
CA GLY A 333 16.34 26.67 20.51
C GLY A 333 17.31 26.42 19.37
N ILE A 334 17.15 25.26 18.73
CA ILE A 334 17.86 24.92 17.50
C ILE A 334 16.85 25.05 16.37
N ASN A 335 17.04 26.05 15.51
CA ASN A 335 16.16 26.22 14.36
C ASN A 335 16.53 25.25 13.25
N TYR A 336 15.52 24.86 12.48
CA TYR A 336 15.68 23.84 11.44
C TYR A 336 14.87 24.33 10.25
N ASN A 337 15.56 24.85 9.24
CA ASN A 337 14.94 25.30 8.01
C ASN A 337 15.35 24.40 6.86
N CYS A 338 14.42 24.21 5.93
CA CYS A 338 14.65 23.41 4.75
C CYS A 338 14.26 24.19 3.50
N VAL A 339 14.88 23.83 2.40
CA VAL A 339 14.40 24.17 1.08
C VAL A 339 13.96 22.85 0.45
N ALA A 340 12.66 22.55 0.52
CA ALA A 340 12.14 21.37 -0.14
C ALA A 340 12.33 21.49 -1.64
N PRO A 341 12.45 20.36 -2.37
CA PRO A 341 12.90 20.39 -3.77
C PRO A 341 12.14 21.32 -4.72
N GLY A 342 11.04 21.90 -4.28
CA GLY A 342 10.35 22.85 -5.14
C GLY A 342 9.99 24.16 -4.47
N LYS A 343 10.26 24.27 -3.17
CA LYS A 343 9.75 25.35 -2.36
C LYS A 343 10.88 26.30 -1.97
N ARG A 344 10.58 27.22 -1.04
CA ARG A 344 11.53 28.21 -0.58
C ARG A 344 11.91 27.94 0.88
N PHE A 345 13.05 28.52 1.26
CA PHE A 345 13.63 28.47 2.61
C PHE A 345 12.58 28.76 3.67
N ARG A 346 12.33 27.77 4.54
CA ARG A 346 11.25 27.84 5.53
C ARG A 346 11.59 26.94 6.71
N PRO A 347 11.09 27.26 7.91
CA PRO A 347 11.24 26.32 9.02
C PRO A 347 10.59 24.98 8.69
N MET A 348 11.20 23.91 9.19
CA MET A 348 10.64 22.58 9.00
C MET A 348 9.21 22.50 9.49
N ASP A 349 8.88 23.29 10.53
CA ASP A 349 7.50 23.42 10.99
C ASP A 349 6.52 23.70 9.86
N ASN A 350 6.88 24.59 8.93
CA ASN A 350 5.97 25.01 7.86
C ASN A 350 5.83 23.97 6.75
N LEU A 351 6.38 22.77 6.91
CA LEU A 351 6.18 21.68 5.97
C LEU A 351 5.07 20.76 6.47
N SER A 352 4.56 19.94 5.56
CA SER A 352 3.49 19.01 5.91
C SER A 352 3.59 17.76 5.05
N GLY A 353 2.88 16.73 5.49
CA GLY A 353 2.80 15.50 4.71
C GLY A 353 4.15 14.81 4.60
N GLY A 354 4.33 14.14 3.46
CA GLY A 354 5.57 13.40 3.24
C GLY A 354 6.79 14.30 3.19
N GLU A 355 6.59 15.57 2.83
CA GLU A 355 7.69 16.54 2.83
C GLU A 355 8.22 16.75 4.24
N LYS A 356 7.33 16.95 5.21
CA LYS A 356 7.79 17.10 6.58
C LYS A 356 8.36 15.80 7.12
N THR A 357 7.81 14.66 6.68
CA THR A 357 8.35 13.37 7.09
C THR A 357 9.77 13.18 6.58
N VAL A 358 10.02 13.55 5.32
CA VAL A 358 11.38 13.41 4.81
C VAL A 358 12.33 14.38 5.53
N ALA A 359 11.84 15.57 5.89
CA ALA A 359 12.68 16.50 6.66
C ALA A 359 12.95 15.97 8.06
N ALA A 360 11.94 15.35 8.69
CA ALA A 360 12.15 14.75 10.00
C ALA A 360 13.08 13.55 9.90
N LEU A 361 12.95 12.76 8.83
CA LEU A 361 13.87 11.64 8.62
C LEU A 361 15.31 12.13 8.47
N ALA A 362 15.52 13.21 7.72
CA ALA A 362 16.87 13.73 7.58
C ALA A 362 17.46 14.12 8.92
N LEU A 363 16.66 14.76 9.78
CA LEU A 363 17.17 15.12 11.10
C LEU A 363 17.44 13.89 11.95
N LEU A 364 16.52 12.91 11.90
CA LEU A 364 16.72 11.68 12.65
C LEU A 364 18.02 10.98 12.24
N PHE A 365 18.23 10.82 10.92
CA PHE A 365 19.46 10.17 10.46
C PHE A 365 20.70 11.02 10.70
N ALA A 366 20.58 12.34 10.63
CA ALA A 366 21.74 13.19 10.95
C ALA A 366 22.10 13.05 12.43
N ILE A 367 21.10 12.97 13.30
CA ILE A 367 21.39 12.81 14.71
C ILE A 367 22.07 11.48 14.96
N HIS A 368 21.66 10.44 14.23
CA HIS A 368 22.29 9.15 14.42
C HIS A 368 23.66 9.05 13.76
N SER A 369 24.05 10.03 12.94
CA SER A 369 25.40 10.03 12.39
C SER A 369 26.44 10.54 13.38
N TYR A 370 26.01 11.09 14.51
CA TYR A 370 26.85 11.23 15.68
C TYR A 370 26.66 9.99 16.55
N LYS A 371 27.75 9.52 17.18
CA LYS A 371 27.67 8.30 17.99
C LYS A 371 27.10 7.11 17.22
N PRO A 372 27.46 6.86 15.97
CA PRO A 372 26.72 5.84 15.19
C PRO A 372 27.16 4.45 15.66
N ALA A 373 26.17 3.61 15.92
CA ALA A 373 26.44 2.24 16.24
C ALA A 373 26.85 1.49 14.97
N PRO A 374 27.55 0.36 15.09
CA PRO A 374 27.94 -0.38 13.88
C PRO A 374 26.76 -0.96 13.15
N PHE A 375 25.66 -1.23 13.84
CA PHE A 375 24.44 -1.65 13.18
C PHE A 375 23.30 -0.80 13.69
N PHE A 376 22.27 -0.70 12.86
CA PHE A 376 21.14 0.18 13.05
C PHE A 376 19.90 -0.69 12.89
N VAL A 377 19.07 -0.80 13.92
CA VAL A 377 17.85 -1.60 13.89
C VAL A 377 16.70 -0.63 13.73
N LEU A 378 16.01 -0.70 12.59
CA LEU A 378 14.91 0.20 12.27
C LEU A 378 13.62 -0.60 12.38
N ASP A 379 12.85 -0.38 13.43
CA ASP A 379 11.64 -1.15 13.69
C ASP A 379 10.48 -0.46 13.01
N GLN A 380 10.13 -0.94 11.82
CA GLN A 380 8.93 -0.48 11.12
C GLN A 380 8.99 1.02 10.86
N ILE A 381 10.16 1.49 10.44
CA ILE A 381 10.28 2.90 10.06
C ILE A 381 9.43 3.19 8.83
N ASP A 382 9.20 2.17 7.99
CA ASP A 382 8.44 2.40 6.75
C ASP A 382 6.96 2.56 6.98
N ALA A 383 6.46 2.28 8.19
CA ALA A 383 5.06 2.56 8.48
C ALA A 383 4.75 4.05 8.42
N ALA A 384 5.74 4.91 8.60
CA ALA A 384 5.55 6.35 8.54
C ALA A 384 5.64 6.90 7.12
N LEU A 385 5.84 6.05 6.13
CA LEU A 385 6.10 6.49 4.76
C LEU A 385 4.89 6.17 3.86
N ASP A 386 4.75 6.93 2.79
CA ASP A 386 3.74 6.62 1.78
C ASP A 386 4.44 6.35 0.46
N ASN A 387 3.65 6.17 -0.59
CA ASN A 387 4.23 5.68 -1.84
C ASN A 387 5.01 6.75 -2.61
N THR A 388 5.08 7.97 -2.10
CA THR A 388 5.87 9.02 -2.73
C THR A 388 7.30 9.11 -2.22
N ASN A 389 7.61 8.44 -1.09
CA ASN A 389 8.96 8.51 -0.54
C ASN A 389 9.45 7.20 0.07
N ILE A 390 8.67 6.13 0.02
CA ILE A 390 9.14 4.85 0.55
C ILE A 390 10.36 4.37 -0.22
N GLY A 391 10.32 4.49 -1.55
CA GLY A 391 11.44 4.06 -2.36
C GLY A 391 12.68 4.90 -2.11
N LYS A 392 12.50 6.20 -1.86
CA LYS A 392 13.64 7.08 -1.64
C LYS A 392 14.35 6.75 -0.34
N VAL A 393 13.59 6.51 0.72
CA VAL A 393 14.17 6.16 2.01
C VAL A 393 14.81 4.78 1.95
N ALA A 394 14.14 3.82 1.30
CA ALA A 394 14.74 2.50 1.13
C ALA A 394 16.05 2.58 0.37
N ASN A 395 16.10 3.40 -0.68
CA ASN A 395 17.34 3.49 -1.45
C ASN A 395 18.44 4.20 -0.67
N TYR A 396 18.06 5.15 0.20
CA TYR A 396 19.04 5.77 1.08
C TYR A 396 19.64 4.75 2.05
N ILE A 397 18.80 3.92 2.64
CA ILE A 397 19.34 2.91 3.56
C ILE A 397 20.19 1.92 2.80
N LYS A 398 19.75 1.56 1.59
CA LYS A 398 20.54 0.68 0.73
C LYS A 398 21.93 1.23 0.47
N GLU A 399 22.01 2.51 0.10
CA GLU A 399 23.31 3.15 -0.16
C GLU A 399 24.15 3.21 1.10
N GLN A 400 23.57 3.67 2.21
CA GLN A 400 24.34 3.78 3.46
C GLN A 400 24.81 2.43 3.96
N SER A 401 24.04 1.38 3.69
CA SER A 401 24.37 0.06 4.19
C SER A 401 25.58 -0.53 3.50
N THR A 402 26.01 0.04 2.37
CA THR A 402 27.15 -0.53 1.67
C THR A 402 28.46 -0.12 2.33
N CYS A 403 28.44 0.89 3.19
CA CYS A 403 29.67 1.44 3.74
C CYS A 403 29.55 1.91 5.18
N ASN A 404 28.51 2.67 5.51
CA ASN A 404 28.52 3.46 6.75
C ASN A 404 27.94 2.75 7.95
N PHE A 405 27.02 1.82 7.76
CA PHE A 405 26.50 1.05 8.88
C PHE A 405 25.76 -0.16 8.32
N GLN A 406 25.64 -1.17 9.17
CA GLN A 406 24.79 -2.32 8.89
C GLN A 406 23.35 -1.98 9.23
N ALA A 407 22.43 -2.26 8.31
CA ALA A 407 21.01 -1.98 8.49
C ALA A 407 20.25 -3.27 8.72
N ILE A 408 19.48 -3.31 9.79
CA ILE A 408 18.54 -4.39 10.10
C ILE A 408 17.18 -3.74 10.24
N VAL A 409 16.26 -4.05 9.35
CA VAL A 409 14.99 -3.35 9.32
C VAL A 409 13.87 -4.38 9.46
N ILE A 410 12.97 -4.13 10.38
CA ILE A 410 11.72 -4.87 10.46
C ILE A 410 10.73 -4.08 9.63
N SER A 411 10.22 -4.70 8.57
CA SER A 411 9.54 -3.94 7.53
C SER A 411 8.25 -4.64 7.11
N LEU A 412 7.20 -3.86 6.89
CA LEU A 412 5.93 -4.38 6.43
C LEU A 412 5.66 -4.12 4.95
N LYS A 413 6.49 -3.31 4.29
CA LYS A 413 6.17 -2.79 2.97
C LYS A 413 7.20 -3.26 1.95
N GLU A 414 6.71 -3.94 0.89
CA GLU A 414 7.61 -4.52 -0.11
C GLU A 414 8.46 -3.46 -0.81
N GLU A 415 7.94 -2.24 -1.01
CA GLU A 415 8.76 -1.21 -1.67
C GLU A 415 9.96 -0.80 -0.83
N PHE A 416 9.95 -1.11 0.45
CA PHE A 416 11.09 -0.91 1.34
C PHE A 416 11.96 -2.17 1.39
N TYR A 417 11.38 -3.32 1.78
CA TYR A 417 12.26 -4.46 2.04
C TYR A 417 12.79 -5.11 0.78
N THR A 418 12.20 -4.85 -0.39
CA THR A 418 12.84 -5.41 -1.58
C THR A 418 14.17 -4.75 -1.94
N LYS A 419 14.58 -3.67 -1.23
CA LYS A 419 15.91 -3.11 -1.42
C LYS A 419 16.97 -3.82 -0.61
N ALA A 420 16.59 -4.75 0.26
CA ALA A 420 17.55 -5.39 1.14
C ALA A 420 18.35 -6.45 0.38
N GLU A 421 19.51 -6.83 0.95
CA GLU A 421 20.28 -7.94 0.38
C GLU A 421 19.65 -9.28 0.71
N SER A 422 19.13 -9.43 1.93
CA SER A 422 18.54 -10.70 2.29
C SER A 422 17.32 -10.44 3.16
N LEU A 423 16.45 -11.42 3.15
CA LEU A 423 15.22 -11.39 3.92
C LEU A 423 15.27 -12.49 4.95
N ILE A 424 14.86 -12.14 6.17
CA ILE A 424 14.56 -13.10 7.21
C ILE A 424 13.05 -13.12 7.36
N GLY A 425 12.43 -14.24 6.98
CA GLY A 425 11.00 -14.36 6.96
C GLY A 425 10.55 -15.12 8.18
N VAL A 426 9.65 -14.51 8.94
CA VAL A 426 9.15 -15.11 10.17
C VAL A 426 7.79 -15.73 9.89
N TYR A 427 7.60 -16.96 10.36
CA TYR A 427 6.32 -17.62 10.16
C TYR A 427 5.90 -18.34 11.43
N PRO A 428 4.60 -18.59 11.59
CA PRO A 428 4.13 -19.28 12.80
C PRO A 428 3.95 -20.77 12.60
N GLU A 429 4.19 -21.53 13.67
CA GLU A 429 3.99 -22.97 13.69
C GLU A 429 2.93 -23.27 14.73
N GLN A 430 2.07 -24.24 14.45
CA GLN A 430 1.00 -24.53 15.40
C GLN A 430 1.53 -25.26 16.61
N GLY A 431 0.94 -24.97 17.76
CA GLY A 431 1.39 -25.58 19.00
C GLY A 431 0.53 -25.13 20.16
N ASP A 432 0.87 -25.66 21.34
CA ASP A 432 0.21 -25.25 22.57
C ASP A 432 0.34 -23.75 22.79
N CYS A 433 1.49 -23.18 22.44
CA CYS A 433 1.67 -21.75 22.35
C CYS A 433 2.08 -21.41 20.94
N VAL A 434 1.93 -20.14 20.58
CA VAL A 434 2.44 -19.65 19.30
C VAL A 434 3.93 -19.95 19.22
N ILE A 435 4.33 -20.61 18.14
CA ILE A 435 5.73 -20.87 17.83
C ILE A 435 6.10 -20.06 16.60
N SER A 436 7.22 -19.35 16.69
CA SER A 436 7.77 -18.64 15.54
C SER A 436 9.02 -19.37 15.07
N LYS A 437 9.18 -19.45 13.74
CA LYS A 437 10.40 -19.93 13.12
C LYS A 437 10.77 -18.99 11.98
N VAL A 438 11.99 -19.13 11.44
CA VAL A 438 12.41 -18.20 10.41
C VAL A 438 12.96 -18.96 9.21
N LEU A 439 12.94 -18.25 8.10
CA LEU A 439 13.54 -18.64 6.84
C LEU A 439 14.45 -17.51 6.37
N THR A 440 15.47 -17.86 5.59
CA THR A 440 16.41 -16.90 5.04
C THR A 440 16.38 -16.95 3.52
N PHE A 441 16.44 -15.78 2.90
CA PHE A 441 16.31 -15.66 1.45
C PHE A 441 17.25 -14.60 0.91
N ASP A 442 18.02 -14.94 -0.11
CA ASP A 442 18.99 -14.02 -0.71
C ASP A 442 18.35 -13.31 -1.90
N LEU A 443 18.17 -12.01 -1.81
CA LEU A 443 17.61 -11.27 -2.93
C LEU A 443 18.65 -10.84 -3.95
N THR A 444 19.95 -10.89 -3.62
CA THR A 444 20.92 -10.34 -4.55
C THR A 444 21.06 -11.18 -5.81
N LYS A 445 20.55 -12.41 -5.80
CA LYS A 445 20.58 -13.31 -6.95
C LYS A 445 19.71 -12.82 -8.11
N TYR A 446 18.81 -11.87 -7.89
CA TYR A 446 17.80 -11.52 -8.89
C TYR A 446 18.00 -10.09 -9.38
N PRO A 447 17.68 -9.81 -10.65
CA PRO A 447 17.83 -8.45 -11.16
C PRO A 447 16.73 -7.54 -10.64
N ASP A 448 16.98 -6.23 -10.71
CA ASP A 448 15.99 -5.23 -10.35
C ASP A 448 14.87 -5.17 -11.41
N ALA A 449 13.95 -4.23 -11.20
CA ALA A 449 12.80 -3.98 -12.07
C ALA A 449 13.09 -4.14 -13.57
N GLU B 21 3.95 -34.56 -2.96
CA GLU B 21 4.96 -33.91 -3.81
C GLU B 21 5.49 -32.66 -3.11
N SER B 22 6.20 -31.82 -3.87
CA SER B 22 6.92 -30.72 -3.25
C SER B 22 7.24 -29.68 -4.30
N ILE B 23 7.49 -28.46 -3.83
CA ILE B 23 7.74 -27.31 -4.68
C ILE B 23 8.97 -26.60 -4.13
N SER B 24 9.94 -26.30 -5.00
CA SER B 24 11.15 -25.59 -4.60
C SER B 24 10.96 -24.08 -4.81
N LEU B 25 11.20 -23.30 -3.75
CA LEU B 25 11.11 -21.85 -3.90
C LEU B 25 12.13 -21.34 -4.91
N LEU B 26 13.37 -21.86 -4.86
CA LEU B 26 14.40 -21.35 -5.77
C LEU B 26 14.04 -21.62 -7.22
N GLU B 27 13.38 -22.75 -7.49
CA GLU B 27 12.94 -23.01 -8.86
C GLU B 27 11.81 -22.09 -9.27
N LEU B 28 10.86 -21.83 -8.36
CA LEU B 28 9.79 -20.88 -8.65
C LEU B 28 10.33 -19.49 -8.95
N CYS B 29 11.44 -19.10 -8.31
CA CYS B 29 12.03 -17.78 -8.49
C CYS B 29 13.05 -17.73 -9.62
N ARG B 30 13.40 -18.85 -10.24
CA ARG B 30 14.22 -18.80 -11.44
C ARG B 30 13.56 -17.88 -12.46
N ASN B 31 14.34 -16.97 -13.02
CA ASN B 31 13.91 -16.02 -14.04
C ASN B 31 13.04 -14.88 -13.49
N THR B 32 12.92 -14.73 -12.17
CA THR B 32 12.16 -13.62 -11.61
C THR B 32 13.09 -12.47 -11.28
N ASN B 33 12.50 -11.28 -11.10
CA ASN B 33 13.24 -10.13 -10.61
C ASN B 33 13.08 -10.04 -9.09
N ARG B 34 13.76 -9.05 -8.47
CA ARG B 34 13.83 -8.98 -7.01
C ARG B 34 12.46 -8.88 -6.37
N LYS B 35 11.58 -8.02 -6.93
CA LYS B 35 10.27 -7.85 -6.32
C LYS B 35 9.44 -9.12 -6.46
N GLN B 36 9.54 -9.78 -7.61
CA GLN B 36 8.83 -11.04 -7.83
C GLN B 36 9.33 -12.13 -6.89
N ALA B 37 10.65 -12.25 -6.75
CA ALA B 37 11.19 -13.30 -5.88
C ALA B 37 10.79 -13.05 -4.43
N ALA B 38 10.88 -11.80 -3.97
CA ALA B 38 10.46 -11.47 -2.61
C ALA B 38 9.00 -11.78 -2.37
N ALA B 39 8.14 -11.54 -3.37
CA ALA B 39 6.74 -11.84 -3.17
C ALA B 39 6.49 -13.34 -3.09
N LYS B 40 7.24 -14.15 -3.84
CA LYS B 40 7.04 -15.59 -3.75
C LYS B 40 7.52 -16.11 -2.41
N PHE B 41 8.65 -15.61 -1.94
CA PHE B 41 9.12 -15.95 -0.59
C PHE B 41 8.06 -15.58 0.45
N TYR B 42 7.54 -14.36 0.36
CA TYR B 42 6.53 -13.94 1.32
C TYR B 42 5.29 -14.82 1.24
N SER B 43 4.92 -15.25 0.03
CA SER B 43 3.75 -16.11 -0.11
C SER B 43 3.95 -17.45 0.61
N PHE B 44 5.18 -17.98 0.60
CA PHE B 44 5.45 -19.17 1.41
C PHE B 44 5.13 -18.93 2.88
N LEU B 45 5.52 -17.77 3.41
CA LEU B 45 5.24 -17.49 4.83
C LEU B 45 3.74 -17.43 5.08
N VAL B 46 2.98 -16.80 4.17
CA VAL B 46 1.55 -16.66 4.36
C VAL B 46 0.87 -18.01 4.24
N LEU B 47 1.27 -18.79 3.25
CA LEU B 47 0.66 -20.09 3.05
C LEU B 47 0.98 -21.04 4.19
N LYS B 48 2.17 -20.91 4.79
CA LYS B 48 2.46 -21.70 5.97
C LYS B 48 1.59 -21.27 7.14
N LYS B 49 1.40 -19.95 7.30
CA LYS B 49 0.52 -19.46 8.37
C LYS B 49 -0.89 -20.00 8.20
N GLN B 50 -1.37 -20.05 6.96
CA GLN B 50 -2.71 -20.56 6.68
C GLN B 50 -2.78 -22.07 6.67
N GLN B 51 -1.64 -22.73 6.89
CA GLN B 51 -1.54 -24.19 6.99
C GLN B 51 -1.90 -24.86 5.68
N ALA B 52 -1.74 -24.14 4.57
CA ALA B 52 -1.88 -24.76 3.27
C ALA B 52 -0.66 -25.57 2.88
N ILE B 53 0.50 -25.26 3.48
CA ILE B 53 1.76 -25.93 3.16
C ILE B 53 2.53 -26.13 4.46
N GLU B 54 3.54 -27.00 4.38
CA GLU B 54 4.59 -27.06 5.37
CA GLU B 54 4.60 -27.12 5.35
C GLU B 54 5.91 -26.70 4.68
N LEU B 55 6.86 -26.19 5.47
CA LEU B 55 8.10 -25.63 4.95
C LEU B 55 9.30 -26.35 5.56
N THR B 56 10.34 -26.57 4.75
CA THR B 56 11.62 -27.01 5.29
C THR B 56 12.73 -26.22 4.62
N GLN B 57 13.75 -25.88 5.41
CA GLN B 57 14.95 -25.25 4.88
C GLN B 57 16.12 -25.88 5.59
N GLU B 58 16.99 -26.54 4.84
CA GLU B 58 18.04 -27.36 5.45
C GLU B 58 19.02 -26.51 6.25
N GLU B 59 19.44 -25.39 5.70
CA GLU B 59 20.43 -24.53 6.35
C GLU B 59 20.20 -23.12 5.87
N PRO B 60 20.76 -22.12 6.55
CA PRO B 60 20.51 -20.74 6.13
C PRO B 60 20.86 -20.52 4.67
N TYR B 61 19.94 -19.85 3.97
CA TYR B 61 20.03 -19.48 2.56
C TYR B 61 20.03 -20.68 1.61
N SER B 62 19.66 -21.86 2.09
CA SER B 62 19.47 -22.98 1.18
C SER B 62 18.09 -22.88 0.52
N ASP B 63 17.83 -23.78 -0.40
CA ASP B 63 16.48 -23.84 -0.98
C ASP B 63 15.45 -24.07 0.12
N ILE B 64 14.21 -23.63 -0.15
CA ILE B 64 13.09 -23.75 0.77
C ILE B 64 12.04 -24.56 0.05
N ILE B 65 11.67 -25.71 0.62
CA ILE B 65 10.80 -26.68 -0.03
C ILE B 65 9.43 -26.64 0.64
N ALA B 66 8.38 -26.48 -0.16
CA ALA B 66 7.03 -26.56 0.33
C ALA B 66 6.46 -27.94 0.05
N THR B 67 5.70 -28.46 1.00
CA THR B 67 4.97 -29.72 0.88
C THR B 67 3.54 -29.49 1.33
N PRO B 68 2.63 -30.44 1.07
CA PRO B 68 1.23 -30.22 1.42
C PRO B 68 1.02 -30.01 2.92
N GLY B 69 0.17 -29.05 3.24
CA GLY B 69 -0.17 -28.75 4.62
C GLY B 69 -1.53 -29.33 4.97
N PRO B 70 -1.89 -29.31 6.25
CA PRO B 70 -3.14 -29.96 6.67
C PRO B 70 -4.40 -29.28 6.16
N ARG B 71 -4.35 -27.97 5.89
CA ARG B 71 -5.55 -27.19 5.60
C ARG B 71 -5.67 -26.82 4.11
N PHE B 72 -5.10 -27.64 3.23
CA PHE B 72 -5.37 -27.52 1.80
C PHE B 72 -5.07 -28.86 1.17
N HIS B 73 -6.03 -29.38 0.38
CA HIS B 73 -5.96 -30.74 -0.13
C HIS B 73 -5.87 -30.83 -1.64
N GLY B 74 -5.84 -29.71 -2.35
CA GLY B 74 -5.69 -29.75 -3.80
C GLY B 74 -4.29 -30.13 -4.24
N SER B 75 -3.81 -29.53 -5.32
CA SER B 75 -2.45 -29.73 -5.78
C SER B 75 -1.59 -28.52 -5.43
N LEU B 76 -0.32 -28.77 -5.13
CA LEU B 76 0.61 -27.68 -4.88
C LEU B 76 0.88 -26.88 -6.15
N GLU B 77 0.88 -27.54 -7.31
CA GLU B 77 1.05 -26.83 -8.57
C GLU B 77 0.07 -25.68 -8.71
N VAL B 78 -1.18 -25.89 -8.29
CA VAL B 78 -2.19 -24.85 -8.45
C VAL B 78 -2.00 -23.72 -7.45
N LEU B 79 -1.42 -24.03 -6.29
CA LEU B 79 -1.22 -23.01 -5.26
C LEU B 79 -0.23 -21.93 -5.69
N PHE B 80 0.58 -22.20 -6.71
CA PHE B 80 1.58 -21.23 -7.19
C PHE B 80 1.46 -21.00 -8.70
N GLY C 2 -2.29 -1.56 -16.46
CA GLY C 2 -2.78 -2.92 -16.34
C GLY C 2 -4.21 -3.00 -16.81
N PHE C 3 -4.81 -4.18 -16.81
CA PHE C 3 -6.19 -4.25 -17.27
C PHE C 3 -6.93 -5.39 -16.59
N LEU C 4 -8.24 -5.26 -16.59
CA LEU C 4 -9.13 -6.26 -16.03
C LEU C 4 -9.33 -7.33 -17.08
N LYS C 5 -8.72 -8.50 -16.86
CA LYS C 5 -8.73 -9.52 -17.90
C LYS C 5 -10.03 -10.30 -17.90
N LEU C 6 -10.53 -10.64 -16.72
CA LEU C 6 -11.76 -11.38 -16.66
C LEU C 6 -12.31 -11.32 -15.24
N ILE C 7 -13.60 -11.64 -15.14
CA ILE C 7 -14.29 -11.80 -13.87
C ILE C 7 -14.74 -13.24 -13.78
N GLU C 8 -14.50 -13.87 -12.63
CA GLU C 8 -15.04 -15.19 -12.37
C GLU C 8 -16.08 -15.07 -11.27
N ILE C 9 -17.26 -15.67 -11.50
CA ILE C 9 -18.38 -15.56 -10.57
C ILE C 9 -18.80 -16.96 -10.15
N GLU C 10 -19.17 -17.12 -8.88
CA GLU C 10 -19.80 -18.36 -8.45
C GLU C 10 -21.01 -18.02 -7.60
N ASN C 11 -22.21 -18.29 -8.14
CA ASN C 11 -23.46 -18.21 -7.37
C ASN C 11 -23.68 -16.82 -6.77
N PHE C 12 -23.39 -15.78 -7.54
CA PHE C 12 -23.57 -14.40 -7.07
C PHE C 12 -24.80 -13.81 -7.72
N LYS C 13 -25.76 -13.41 -6.89
CA LYS C 13 -27.06 -12.94 -7.35
C LYS C 13 -27.56 -13.83 -8.47
N SER C 14 -27.92 -13.28 -9.63
CA SER C 14 -28.52 -14.16 -10.63
C SER C 14 -27.50 -15.02 -11.37
N TYR C 15 -26.19 -14.82 -11.16
CA TYR C 15 -25.17 -15.62 -11.86
C TYR C 15 -24.98 -16.95 -11.13
N LYS C 16 -25.89 -17.88 -11.42
CA LYS C 16 -25.86 -19.20 -10.82
C LYS C 16 -24.68 -20.01 -11.34
N GLY C 17 -24.16 -20.86 -10.47
CA GLY C 17 -23.05 -21.70 -10.85
C GLY C 17 -21.78 -20.89 -11.02
N ARG C 18 -20.78 -21.55 -11.58
CA ARG C 18 -19.47 -20.95 -11.83
C ARG C 18 -19.43 -20.43 -13.27
N GLN C 19 -19.19 -19.12 -13.42
CA GLN C 19 -19.17 -18.52 -14.75
C GLN C 19 -17.94 -17.65 -14.95
N ILE C 20 -17.29 -17.77 -16.12
CA ILE C 20 -16.27 -16.84 -16.52
C ILE C 20 -16.93 -15.71 -17.30
N ILE C 21 -16.68 -14.48 -16.88
CA ILE C 21 -17.17 -13.30 -17.59
C ILE C 21 -16.01 -12.74 -18.38
N GLY C 22 -16.11 -12.72 -19.69
CA GLY C 22 -15.00 -12.22 -20.48
C GLY C 22 -14.30 -13.38 -21.14
N PRO C 23 -13.02 -13.21 -21.48
CA PRO C 23 -12.10 -12.10 -21.21
C PRO C 23 -12.52 -10.79 -21.82
N PHE C 24 -12.11 -9.69 -21.19
CA PHE C 24 -12.41 -8.36 -21.69
C PHE C 24 -11.37 -7.95 -22.73
N GLN C 25 -11.80 -7.12 -23.67
CA GLN C 25 -10.84 -6.46 -24.54
C GLN C 25 -10.58 -5.06 -23.99
N ARG C 26 -9.81 -4.26 -24.73
CA ARG C 26 -9.56 -2.89 -24.30
C ARG C 26 -10.85 -2.07 -24.25
N PHE C 27 -11.84 -2.41 -25.09
CA PHE C 27 -13.13 -1.74 -25.09
C PHE C 27 -14.18 -2.85 -25.20
N THR C 28 -14.91 -3.11 -24.12
CA THR C 28 -15.93 -4.13 -24.07
C THR C 28 -17.25 -3.51 -23.66
N ALA C 29 -18.34 -3.88 -24.33
CA ALA C 29 -19.68 -3.46 -23.94
C ALA C 29 -20.47 -4.65 -23.43
N ILE C 30 -21.16 -4.44 -22.33
CA ILE C 30 -22.06 -5.42 -21.74
C ILE C 30 -23.45 -4.98 -22.17
N ILE C 31 -24.17 -5.88 -22.83
CA ILE C 31 -25.47 -5.55 -23.43
C ILE C 31 -26.43 -6.69 -23.16
N GLY C 32 -27.71 -6.43 -23.40
CA GLY C 32 -28.69 -7.48 -23.24
C GLY C 32 -30.07 -6.92 -23.02
N PRO C 33 -31.09 -7.74 -23.25
CA PRO C 33 -32.47 -7.29 -23.06
C PRO C 33 -32.77 -7.00 -21.60
N ASN C 34 -33.85 -6.27 -21.40
CA ASN C 34 -34.22 -5.84 -20.06
C ASN C 34 -34.33 -7.03 -19.13
N GLY C 35 -33.81 -6.84 -17.93
N GLY C 35 -33.89 -6.85 -17.89
CA GLY C 35 -33.66 -7.89 -16.95
CA GLY C 35 -34.01 -7.90 -16.90
C GLY C 35 -32.68 -7.46 -15.88
C GLY C 35 -33.17 -9.12 -17.15
N SER C 36 -32.70 -8.18 -14.76
N SER C 36 -32.19 -9.02 -18.05
CA SER C 36 -31.81 -7.83 -13.67
CA SER C 36 -31.37 -10.20 -18.33
C SER C 36 -30.35 -8.10 -13.98
C SER C 36 -30.43 -10.49 -17.17
N GLY C 37 -30.05 -8.83 -15.07
N GLY C 37 -29.79 -9.45 -16.60
CA GLY C 37 -28.73 -9.42 -15.22
CA GLY C 37 -28.78 -9.55 -15.54
C GLY C 37 -27.61 -8.40 -15.37
C GLY C 37 -27.63 -8.54 -15.56
N LYS C 38 -27.81 -7.39 -16.23
CA LYS C 38 -26.70 -6.44 -16.41
C LYS C 38 -26.39 -5.69 -15.12
N SER C 39 -27.43 -5.25 -14.39
CA SER C 39 -27.17 -4.55 -13.14
C SER C 39 -26.55 -5.48 -12.11
N ASN C 40 -26.86 -6.78 -12.16
CA ASN C 40 -26.22 -7.70 -11.23
C ASN C 40 -24.75 -7.89 -11.55
N LEU C 41 -24.39 -7.77 -12.83
CA LEU C 41 -22.97 -7.85 -13.20
C LEU C 41 -22.24 -6.59 -12.76
N MET C 42 -22.87 -5.42 -12.91
CA MET C 42 -22.34 -4.21 -12.30
C MET C 42 -22.14 -4.42 -10.81
N ASP C 43 -23.11 -5.04 -10.13
CA ASP C 43 -22.96 -5.26 -8.69
C ASP C 43 -21.81 -6.22 -8.40
N ALA C 44 -21.61 -7.22 -9.27
CA ALA C 44 -20.50 -8.16 -9.06
C ALA C 44 -19.16 -7.44 -9.12
N ILE C 45 -19.02 -6.51 -10.07
CA ILE C 45 -17.79 -5.74 -10.18
C ILE C 45 -17.61 -4.86 -8.95
N SER C 46 -18.67 -4.15 -8.53
CA SER C 46 -18.59 -3.36 -7.30
C SER C 46 -18.22 -4.24 -6.11
N PHE C 47 -18.86 -5.40 -6.00
CA PHE C 47 -18.61 -6.31 -4.90
C PHE C 47 -17.15 -6.75 -4.82
N VAL C 48 -16.58 -7.21 -5.95
CA VAL C 48 -15.19 -7.67 -5.85
C VAL C 48 -14.25 -6.51 -5.55
N LEU C 49 -14.66 -5.28 -5.83
CA LEU C 49 -13.85 -4.12 -5.49
C LEU C 49 -14.27 -3.51 -4.15
N GLY C 50 -14.89 -4.31 -3.28
CA GLY C 50 -15.04 -3.96 -1.88
C GLY C 50 -16.25 -3.12 -1.53
N GLU C 51 -17.24 -3.03 -2.42
CA GLU C 51 -18.37 -2.16 -2.14
C GLU C 51 -19.13 -2.67 -0.91
N LYS C 52 -19.72 -1.72 -0.19
CA LYS C 52 -20.52 -2.02 0.98
C LYS C 52 -21.77 -2.80 0.60
N THR C 53 -22.10 -3.81 1.41
CA THR C 53 -23.27 -4.65 1.19
C THR C 53 -24.53 -3.81 0.98
N SER C 54 -24.69 -2.77 1.79
CA SER C 54 -25.87 -1.93 1.74
C SER C 54 -26.03 -1.23 0.40
N ASN C 55 -24.95 -1.12 -0.39
CA ASN C 55 -25.03 -0.50 -1.71
C ASN C 55 -25.24 -1.51 -2.83
N LEU C 56 -25.46 -2.78 -2.50
CA LEU C 56 -25.67 -3.83 -3.47
C LEU C 56 -27.11 -4.34 -3.45
N ARG C 57 -28.03 -3.52 -2.94
CA ARG C 57 -29.47 -3.82 -3.01
C ARG C 57 -29.84 -5.06 -2.21
N VAL C 58 -29.13 -5.30 -1.11
CA VAL C 58 -29.45 -6.38 -0.17
C VAL C 58 -29.26 -5.84 1.24
N LYS C 59 -29.84 -6.56 2.21
CA LYS C 59 -29.70 -6.18 3.61
C LYS C 59 -28.56 -6.91 4.31
N THR C 60 -28.23 -8.13 3.90
CA THR C 60 -27.18 -8.95 4.50
CA THR C 60 -27.08 -8.79 4.47
C THR C 60 -26.31 -9.52 3.39
N LEU C 61 -25.06 -9.84 3.73
CA LEU C 61 -24.13 -10.39 2.76
C LEU C 61 -24.65 -11.69 2.14
N ARG C 62 -25.18 -12.60 2.96
CA ARG C 62 -25.60 -13.90 2.44
C ARG C 62 -26.78 -13.78 1.48
N ASP C 63 -27.49 -12.65 1.48
CA ASP C 63 -28.55 -12.44 0.50
C ASP C 63 -28.03 -12.34 -0.92
N LEU C 64 -26.72 -12.18 -1.10
CA LEU C 64 -26.12 -12.13 -2.43
C LEU C 64 -25.89 -13.51 -3.02
N ILE C 65 -26.07 -14.57 -2.23
CA ILE C 65 -25.91 -15.91 -2.78
C ILE C 65 -27.12 -16.23 -3.65
N HIS C 66 -26.86 -16.79 -4.82
CA HIS C 66 -27.94 -17.11 -5.75
C HIS C 66 -29.05 -17.90 -5.05
N GLY C 67 -30.29 -17.43 -5.24
CA GLY C 67 -31.46 -18.08 -4.70
C GLY C 67 -31.87 -17.63 -3.31
N ALA C 68 -30.97 -16.99 -2.56
CA ALA C 68 -31.35 -16.50 -1.23
C ALA C 68 -32.56 -15.57 -1.23
N PRO C 69 -32.76 -14.69 -2.21
CA PRO C 69 -33.97 -13.84 -2.19
C PRO C 69 -35.29 -14.62 -2.17
N VAL C 70 -35.33 -15.84 -2.69
CA VAL C 70 -36.56 -16.62 -2.61
C VAL C 70 -36.44 -17.73 -1.57
N GLY C 71 -35.47 -17.62 -0.66
CA GLY C 71 -35.38 -18.57 0.42
C GLY C 71 -34.82 -19.91 0.03
N LYS C 72 -34.16 -19.99 -1.12
CA LYS C 72 -33.62 -21.23 -1.68
C LYS C 72 -32.18 -21.03 -2.14
N PRO C 73 -31.26 -20.71 -1.23
CA PRO C 73 -29.87 -20.49 -1.64
C PRO C 73 -29.27 -21.72 -2.28
N ALA C 74 -28.55 -21.50 -3.39
CA ALA C 74 -28.01 -22.60 -4.17
C ALA C 74 -26.78 -23.24 -3.53
N ALA C 75 -26.21 -22.60 -2.52
CA ALA C 75 -24.97 -23.08 -1.94
C ALA C 75 -24.74 -22.32 -0.64
N ASN C 76 -23.73 -22.77 0.11
CA ASN C 76 -23.32 -22.17 1.37
C ASN C 76 -22.35 -21.02 1.18
N ARG C 77 -21.86 -20.80 -0.04
CA ARG C 77 -20.86 -19.79 -0.29
C ARG C 77 -21.08 -19.23 -1.69
N ALA C 78 -20.35 -18.16 -1.98
CA ALA C 78 -20.37 -17.54 -3.29
C ALA C 78 -19.11 -16.69 -3.39
N PHE C 79 -18.73 -16.34 -4.61
CA PHE C 79 -17.60 -15.42 -4.71
C PHE C 79 -17.62 -14.70 -6.04
N VAL C 80 -16.88 -13.59 -6.08
CA VAL C 80 -16.54 -12.92 -7.33
C VAL C 80 -15.04 -12.71 -7.30
N SER C 81 -14.39 -12.98 -8.42
CA SER C 81 -12.94 -12.80 -8.48
CA SER C 81 -12.94 -12.86 -8.52
C SER C 81 -12.61 -12.03 -9.75
N MET C 82 -11.57 -11.21 -9.64
CA MET C 82 -11.08 -10.37 -10.72
C MET C 82 -9.65 -10.78 -11.04
N VAL C 83 -9.37 -11.07 -12.30
CA VAL C 83 -8.01 -11.33 -12.76
C VAL C 83 -7.46 -10.05 -13.36
N TYR C 84 -6.41 -9.53 -12.75
CA TYR C 84 -5.82 -8.27 -13.17
C TYR C 84 -4.48 -8.57 -13.83
N SER C 85 -4.28 -8.03 -15.04
CA SER C 85 -3.09 -8.32 -15.83
C SER C 85 -2.27 -7.05 -16.03
N GLU C 86 -0.96 -7.25 -16.17
CA GLU C 86 -0.02 -6.15 -16.34
C GLU C 86 1.16 -6.70 -17.12
N GLU C 87 1.52 -6.02 -18.20
CA GLU C 87 2.63 -6.49 -19.03
C GLU C 87 3.89 -6.66 -18.20
N GLY C 88 4.58 -7.79 -18.39
CA GLY C 88 5.80 -8.07 -17.66
C GLY C 88 5.60 -8.65 -16.28
N ALA C 89 4.36 -8.84 -15.85
CA ALA C 89 4.06 -9.40 -14.55
C ALA C 89 3.10 -10.57 -14.71
N GLU C 90 3.11 -11.46 -13.73
CA GLU C 90 2.07 -12.51 -13.71
C GLU C 90 0.72 -11.90 -13.38
N ASP C 91 -0.34 -12.58 -13.84
CA ASP C 91 -1.70 -12.21 -13.46
C ASP C 91 -1.89 -12.27 -11.96
N ARG C 92 -2.65 -11.33 -11.42
CA ARG C 92 -2.99 -11.28 -10.00
CA ARG C 92 -2.99 -11.27 -10.00
C ARG C 92 -4.50 -11.44 -9.86
N THR C 93 -4.92 -12.30 -8.93
CA THR C 93 -6.34 -12.57 -8.75
C THR C 93 -6.82 -11.95 -7.44
N PHE C 94 -7.81 -11.07 -7.51
CA PHE C 94 -8.43 -10.47 -6.34
C PHE C 94 -9.82 -11.06 -6.18
N ALA C 95 -10.13 -11.59 -5.00
CA ALA C 95 -11.42 -12.25 -4.83
C ALA C 95 -12.06 -11.80 -3.53
N ARG C 96 -13.39 -11.73 -3.54
CA ARG C 96 -14.18 -11.55 -2.33
C ARG C 96 -15.10 -12.74 -2.22
N VAL C 97 -14.99 -13.48 -1.12
CA VAL C 97 -15.72 -14.74 -0.94
C VAL C 97 -16.71 -14.58 0.20
N ILE C 98 -17.93 -15.07 -0.01
CA ILE C 98 -18.95 -15.07 1.04
C ILE C 98 -18.78 -16.40 1.76
N VAL C 99 -18.23 -16.32 2.98
CA VAL C 99 -17.80 -17.45 3.81
C VAL C 99 -18.55 -17.30 5.12
N GLY C 100 -19.44 -18.24 5.41
CA GLY C 100 -20.30 -18.09 6.57
C GLY C 100 -20.95 -16.72 6.58
N GLY C 101 -20.68 -15.94 7.61
CA GLY C 101 -21.32 -14.65 7.77
C GLY C 101 -20.54 -13.43 7.32
N SER C 102 -19.37 -13.57 6.72
CA SER C 102 -18.67 -12.34 6.36
C SER C 102 -17.85 -12.54 5.10
N SER C 103 -17.37 -11.42 4.58
CA SER C 103 -16.56 -11.45 3.38
C SER C 103 -15.15 -11.91 3.71
N GLU C 104 -14.62 -12.81 2.91
CA GLU C 104 -13.22 -13.20 2.93
C GLU C 104 -12.54 -12.63 1.70
N TYR C 105 -11.50 -11.84 1.90
CA TYR C 105 -10.77 -11.25 0.79
C TYR C 105 -9.52 -12.07 0.52
N LYS C 106 -9.21 -12.27 -0.75
CA LYS C 106 -8.05 -13.06 -1.13
C LYS C 106 -7.29 -12.38 -2.25
N ILE C 107 -5.96 -12.49 -2.21
CA ILE C 107 -5.11 -12.09 -3.32
C ILE C 107 -4.27 -13.31 -3.67
N ASN C 108 -4.50 -13.89 -4.85
CA ASN C 108 -3.79 -15.12 -5.24
C ASN C 108 -3.81 -16.18 -4.13
N ASN C 109 -5.00 -16.68 -3.82
CA ASN C 109 -5.12 -17.75 -2.84
CA ASN C 109 -5.22 -17.72 -2.81
C ASN C 109 -4.49 -17.44 -1.48
N LYS C 110 -4.13 -16.19 -1.21
CA LYS C 110 -3.75 -15.75 0.14
C LYS C 110 -4.91 -14.97 0.74
N VAL C 111 -5.39 -15.38 1.92
CA VAL C 111 -6.43 -14.62 2.60
C VAL C 111 -5.83 -13.35 3.19
N VAL C 112 -6.48 -12.21 2.92
CA VAL C 112 -5.96 -10.93 3.37
C VAL C 112 -7.04 -10.15 4.09
N GLN C 113 -6.61 -9.17 4.86
CA GLN C 113 -7.53 -8.23 5.45
C GLN C 113 -7.96 -7.20 4.40
N LEU C 114 -9.11 -6.57 4.65
CA LEU C 114 -9.59 -5.56 3.71
C LEU C 114 -8.59 -4.42 3.55
N HIS C 115 -7.94 -4.01 4.63
CA HIS C 115 -6.99 -2.91 4.52
C HIS C 115 -5.89 -3.24 3.52
N GLU C 116 -5.38 -4.49 3.54
CA GLU C 116 -4.36 -4.91 2.58
C GLU C 116 -4.93 -5.08 1.17
N TYR C 117 -6.12 -5.66 1.05
CA TYR C 117 -6.80 -5.70 -0.24
C TYR C 117 -6.90 -4.30 -0.84
N SER C 118 -7.38 -3.34 -0.03
CA SER C 118 -7.48 -1.96 -0.47
C SER C 118 -6.12 -1.38 -0.86
N GLU C 119 -5.10 -1.60 -0.02
CA GLU C 119 -3.79 -1.06 -0.31
C GLU C 119 -3.20 -1.62 -1.60
N GLU C 120 -3.36 -2.93 -1.82
CA GLU C 120 -2.82 -3.54 -3.03
C GLU C 120 -3.54 -3.02 -4.27
N LEU C 121 -4.86 -2.84 -4.18
CA LEU C 121 -5.58 -2.26 -5.31
C LEU C 121 -5.16 -0.80 -5.54
N GLU C 122 -4.92 -0.06 -4.46
CA GLU C 122 -4.53 1.33 -4.61
C GLU C 122 -3.21 1.44 -5.37
N LYS C 123 -2.29 0.51 -5.13
CA LYS C 123 -1.01 0.52 -5.86
C LYS C 123 -1.22 0.37 -7.36
N LEU C 124 -2.34 -0.20 -7.78
CA LEU C 124 -2.69 -0.36 -9.17
C LEU C 124 -3.49 0.81 -9.71
N GLY C 125 -3.75 1.83 -8.88
CA GLY C 125 -4.60 2.93 -9.30
C GLY C 125 -6.09 2.69 -9.12
N ILE C 126 -6.47 1.62 -8.43
CA ILE C 126 -7.88 1.29 -8.18
C ILE C 126 -8.19 1.72 -6.75
N LEU C 127 -9.01 2.76 -6.61
CA LEU C 127 -9.30 3.37 -5.30
C LEU C 127 -10.70 2.93 -4.88
N ILE C 128 -10.78 1.97 -3.95
CA ILE C 128 -12.09 1.36 -3.72
C ILE C 128 -12.99 2.27 -2.91
N LYS C 129 -12.43 3.16 -2.08
CA LYS C 129 -13.26 4.11 -1.35
C LYS C 129 -13.73 5.24 -2.26
N ALA C 130 -12.81 5.83 -3.02
CA ALA C 130 -13.18 6.89 -3.94
C ALA C 130 -13.98 6.37 -5.13
N ARG C 131 -13.86 5.08 -5.44
CA ARG C 131 -14.53 4.47 -6.59
C ARG C 131 -14.19 5.23 -7.88
N ASN C 132 -12.90 5.49 -8.07
CA ASN C 132 -12.43 6.24 -9.23
C ASN C 132 -12.60 5.46 -10.53
N PHE C 133 -12.87 4.16 -10.46
CA PHE C 133 -12.92 3.28 -11.61
C PHE C 133 -14.33 3.13 -12.17
N LEU C 134 -15.31 3.85 -11.63
CA LEU C 134 -16.70 3.55 -11.93
C LEU C 134 -17.47 4.86 -12.15
N VAL C 135 -18.38 4.83 -13.10
CA VAL C 135 -19.33 5.90 -13.30
C VAL C 135 -20.70 5.27 -13.13
N PHE C 136 -21.39 5.62 -12.06
CA PHE C 136 -22.72 5.07 -11.81
C PHE C 136 -23.73 5.61 -12.80
N GLN C 137 -24.82 4.85 -12.95
CA GLN C 137 -25.97 5.29 -13.72
C GLN C 137 -26.45 6.64 -13.21
N GLY C 138 -26.76 7.55 -14.14
CA GLY C 138 -27.24 8.87 -13.78
C GLY C 138 -26.17 9.88 -13.44
N ALA C 139 -24.88 9.55 -13.58
CA ALA C 139 -23.83 10.46 -13.12
C ALA C 139 -23.74 11.72 -13.99
N VAL C 140 -23.87 11.58 -15.30
CA VAL C 140 -23.82 12.74 -16.18
C VAL C 140 -24.95 13.69 -15.87
N GLU C 141 -26.17 13.15 -15.75
CA GLU C 141 -27.33 13.96 -15.44
C GLU C 141 -27.17 14.66 -14.10
N SER C 142 -26.50 14.01 -13.14
CA SER C 142 -26.26 14.64 -11.84
C SER C 142 -25.22 15.75 -11.94
N ILE C 143 -24.11 15.50 -12.62
CA ILE C 143 -23.10 16.54 -12.82
C ILE C 143 -23.68 17.74 -13.54
N ALA C 144 -24.53 17.49 -14.55
CA ALA C 144 -25.10 18.56 -15.34
C ALA C 144 -26.00 19.48 -14.53
N MET C 145 -26.41 19.07 -13.34
CA MET C 145 -27.32 19.85 -12.52
C MET C 145 -26.62 20.68 -11.43
N LYS C 146 -25.30 20.55 -11.31
CA LYS C 146 -24.61 21.24 -10.23
C LYS C 146 -24.27 22.67 -10.61
N ASN C 147 -24.51 23.58 -9.68
CA ASN C 147 -24.16 24.99 -9.83
C ASN C 147 -22.70 25.19 -9.41
N PRO C 148 -22.16 26.41 -9.55
CA PRO C 148 -20.75 26.61 -9.16
C PRO C 148 -20.46 26.23 -7.71
N LYS C 149 -21.38 26.52 -6.79
CA LYS C 149 -21.14 26.17 -5.40
C LYS C 149 -21.27 24.67 -5.17
N GLU C 150 -22.24 24.04 -5.82
CA GLU C 150 -22.37 22.59 -5.74
C GLU C 150 -21.16 21.89 -6.34
N ARG C 151 -20.51 22.51 -7.34
CA ARG C 151 -19.26 21.97 -7.86
C ARG C 151 -18.19 21.98 -6.78
N THR C 152 -18.07 23.10 -6.06
CA THR C 152 -17.10 23.18 -4.98
C THR C 152 -17.35 22.09 -3.93
N ALA C 153 -18.62 21.84 -3.62
CA ALA C 153 -18.96 20.76 -2.71
C ALA C 153 -18.40 19.43 -3.21
N LEU C 154 -18.66 19.12 -4.48
CA LEU C 154 -18.13 17.91 -5.09
C LEU C 154 -16.62 17.84 -4.94
N PHE C 155 -15.92 18.92 -5.30
CA PHE C 155 -14.48 18.95 -5.14
C PHE C 155 -14.04 18.88 -3.69
N GLU C 156 -14.90 19.28 -2.74
CA GLU C 156 -14.58 19.10 -1.33
C GLU C 156 -14.60 17.62 -0.95
N GLU C 157 -15.61 16.89 -1.42
CA GLU C 157 -15.68 15.46 -1.18
C GLU C 157 -14.47 14.74 -1.78
N ILE C 158 -14.10 15.10 -3.01
CA ILE C 158 -13.10 14.32 -3.72
C ILE C 158 -11.68 14.67 -3.26
N SER C 159 -11.43 15.91 -2.86
CA SER C 159 -10.08 16.31 -2.50
C SER C 159 -9.69 15.95 -1.08
N ARG C 160 -10.63 15.42 -0.28
CA ARG C 160 -10.44 15.24 1.16
C ARG C 160 -10.21 16.57 1.87
N SER C 161 -10.62 17.67 1.26
CA SER C 161 -10.58 18.97 1.89
C SER C 161 -11.90 19.34 2.55
N GLY C 162 -12.96 18.56 2.33
CA GLY C 162 -14.23 18.80 2.98
C GLY C 162 -14.18 18.50 4.48
N LYS C 286 -4.54 26.32 7.85
CA LYS C 286 -5.38 26.17 6.66
C LYS C 286 -4.52 26.13 5.40
N LYS C 287 -3.20 26.19 5.57
CA LYS C 287 -2.30 25.93 4.44
C LYS C 287 -2.49 24.53 3.88
N GLU C 288 -2.98 23.60 4.72
CA GLU C 288 -3.35 22.28 4.24
C GLU C 288 -4.48 22.35 3.23
N ARG C 289 -5.61 22.95 3.64
CA ARG C 289 -6.83 22.91 2.84
C ARG C 289 -6.61 23.44 1.43
N PHE C 290 -5.80 24.50 1.29
CA PHE C 290 -5.51 25.05 -0.03
C PHE C 290 -4.66 24.09 -0.85
N ASP C 291 -3.56 23.61 -0.26
CA ASP C 291 -2.70 22.66 -0.96
C ASP C 291 -3.46 21.38 -1.31
N ARG C 292 -4.43 21.00 -0.49
CA ARG C 292 -5.18 19.77 -0.71
C ARG C 292 -6.27 19.96 -1.77
N PHE C 293 -7.06 21.04 -1.64
CA PHE C 293 -8.11 21.30 -2.61
C PHE C 293 -7.54 21.43 -4.01
N ASN C 294 -6.48 22.21 -4.16
CA ASN C 294 -5.95 22.48 -5.50
C ASN C 294 -5.05 21.37 -6.02
N ALA C 295 -4.58 20.47 -5.15
CA ALA C 295 -3.92 19.27 -5.65
C ALA C 295 -4.87 18.46 -6.52
N CYS C 296 -6.15 18.43 -6.14
CA CYS C 296 -7.19 17.83 -6.97
C CYS C 296 -7.64 18.79 -8.07
N PHE C 297 -8.02 20.02 -7.70
CA PHE C 297 -8.70 20.90 -8.64
C PHE C 297 -7.80 21.31 -9.79
N GLU C 298 -6.58 21.74 -9.50
CA GLU C 298 -5.69 22.19 -10.57
C GLU C 298 -5.39 21.07 -11.54
N SER C 299 -5.37 19.83 -11.06
CA SER C 299 -5.28 18.67 -11.95
C SER C 299 -6.51 18.58 -12.85
N VAL C 300 -7.70 18.67 -12.27
CA VAL C 300 -8.93 18.61 -13.08
C VAL C 300 -8.97 19.78 -14.05
N ALA C 301 -8.64 20.98 -13.58
CA ALA C 301 -8.74 22.15 -14.45
C ALA C 301 -7.69 22.10 -15.56
N THR C 302 -6.55 21.49 -15.32
CA THR C 302 -5.53 21.35 -16.36
C THR C 302 -5.98 20.38 -17.45
N ASN C 303 -6.76 19.37 -17.08
CA ASN C 303 -7.09 18.30 -18.02
C ASN C 303 -8.39 18.54 -18.79
N ILE C 304 -9.28 19.40 -18.30
CA ILE C 304 -10.65 19.39 -18.82
C ILE C 304 -10.72 19.89 -20.26
N ASP C 305 -9.85 20.81 -20.67
CA ASP C 305 -9.99 21.39 -22.00
C ASP C 305 -9.66 20.38 -23.10
N GLU C 306 -8.60 19.58 -22.90
CA GLU C 306 -8.27 18.57 -23.91
C GLU C 306 -9.38 17.52 -24.00
N ILE C 307 -9.98 17.18 -22.86
CA ILE C 307 -11.08 16.22 -22.86
C ILE C 307 -12.28 16.76 -23.61
N TYR C 308 -12.61 18.04 -23.38
CA TYR C 308 -13.77 18.64 -24.04
C TYR C 308 -13.59 18.68 -25.55
N LYS C 309 -12.38 19.04 -26.01
CA LYS C 309 -12.08 19.02 -27.44
C LYS C 309 -12.22 17.62 -28.01
N ALA C 310 -11.71 16.60 -27.30
CA ALA C 310 -11.78 15.24 -27.80
C ALA C 310 -13.21 14.71 -27.82
N LEU C 311 -13.97 14.95 -26.75
CA LEU C 311 -15.38 14.55 -26.75
C LEU C 311 -16.16 15.29 -27.83
N SER C 312 -15.87 16.58 -28.02
CA SER C 312 -16.54 17.37 -29.04
C SER C 312 -16.07 17.02 -30.44
N ARG C 313 -14.91 16.38 -30.57
CA ARG C 313 -14.30 16.11 -31.88
C ARG C 313 -14.13 17.41 -32.65
N ASN C 314 -13.65 18.45 -31.97
CA ASN C 314 -13.61 19.78 -32.57
C ASN C 314 -12.54 20.58 -31.86
N SER C 315 -11.49 20.98 -32.58
CA SER C 315 -10.37 21.71 -32.02
C SER C 315 -10.73 23.11 -31.56
N SER C 316 -11.88 23.64 -31.95
CA SER C 316 -12.28 24.97 -31.52
C SER C 316 -13.07 24.96 -30.22
N ALA C 317 -13.52 23.80 -29.75
CA ALA C 317 -14.13 23.71 -28.45
C ALA C 317 -13.14 24.15 -27.37
N GLN C 318 -13.64 24.75 -26.30
CA GLN C 318 -12.82 25.24 -25.21
C GLN C 318 -13.57 25.02 -23.90
N ALA C 319 -12.85 24.62 -22.86
CA ALA C 319 -13.43 24.48 -21.52
C ALA C 319 -12.50 25.08 -20.49
N PHE C 320 -13.07 25.86 -19.56
CA PHE C 320 -12.28 26.55 -18.55
C PHE C 320 -12.90 26.34 -17.18
N LEU C 321 -12.11 25.81 -16.25
CA LEU C 321 -12.48 25.67 -14.86
C LEU C 321 -11.66 26.63 -14.03
N GLY C 322 -12.33 27.39 -13.17
CA GLY C 322 -11.65 28.40 -12.39
C GLY C 322 -12.39 28.71 -11.10
N PRO C 323 -11.62 28.99 -10.05
CA PRO C 323 -12.25 29.36 -8.78
C PRO C 323 -12.71 30.81 -8.81
N GLU C 324 -13.90 31.03 -8.27
CA GLU C 324 -14.36 32.40 -8.04
C GLU C 324 -13.48 33.12 -7.04
N ASN C 325 -12.90 32.38 -6.09
CA ASN C 325 -12.03 32.94 -5.04
C ASN C 325 -10.66 32.29 -5.19
N PRO C 326 -9.81 32.82 -6.10
CA PRO C 326 -8.54 32.14 -6.41
C PRO C 326 -7.55 32.09 -5.25
N GLU C 327 -7.83 32.74 -4.12
CA GLU C 327 -6.95 32.63 -2.96
C GLU C 327 -7.46 31.66 -1.91
N GLU C 328 -8.78 31.44 -1.84
CA GLU C 328 -9.36 30.40 -0.99
C GLU C 328 -10.53 29.77 -1.75
N PRO C 329 -10.25 28.79 -2.62
CA PRO C 329 -11.31 28.33 -3.55
C PRO C 329 -12.48 27.65 -2.87
N TYR C 330 -12.24 26.92 -1.77
CA TYR C 330 -13.32 26.22 -1.08
C TYR C 330 -14.42 27.17 -0.60
N LEU C 331 -14.11 28.45 -0.41
CA LEU C 331 -15.10 29.38 0.13
C LEU C 331 -16.24 29.61 -0.86
N ASP C 332 -15.91 29.82 -2.13
CA ASP C 332 -16.88 30.25 -3.13
C ASP C 332 -17.03 29.19 -4.22
N GLY C 333 -17.92 29.47 -5.17
CA GLY C 333 -18.23 28.52 -6.22
C GLY C 333 -17.13 28.39 -7.26
N ILE C 334 -17.30 27.39 -8.12
CA ILE C 334 -16.33 27.03 -9.15
C ILE C 334 -16.95 27.31 -10.51
N ASN C 335 -16.30 28.18 -11.29
CA ASN C 335 -16.83 28.58 -12.59
C ASN C 335 -16.44 27.58 -13.67
N TYR C 336 -17.39 27.29 -14.56
CA TYR C 336 -17.19 26.36 -15.67
C TYR C 336 -17.73 27.02 -16.93
N ASN C 337 -16.83 27.55 -17.76
CA ASN C 337 -17.20 28.21 -19.01
C ASN C 337 -16.79 27.36 -20.20
N CYS C 338 -17.69 27.25 -21.18
CA CYS C 338 -17.46 26.42 -22.34
C CYS C 338 -17.64 27.23 -23.61
N VAL C 339 -16.76 26.99 -24.57
CA VAL C 339 -16.98 27.39 -25.95
C VAL C 339 -17.43 26.13 -26.66
N ALA C 340 -18.74 25.96 -26.81
CA ALA C 340 -19.25 24.84 -27.56
C ALA C 340 -19.09 25.12 -29.05
N PRO C 341 -18.92 24.08 -29.86
CA PRO C 341 -18.66 24.28 -31.29
C PRO C 341 -19.70 25.18 -31.93
N GLY C 342 -19.23 26.19 -32.66
CA GLY C 342 -20.13 27.13 -33.30
C GLY C 342 -20.83 28.08 -32.36
N LYS C 343 -20.37 28.21 -31.11
CA LYS C 343 -20.95 29.15 -30.16
C LYS C 343 -19.85 29.99 -29.53
N ARG C 344 -20.23 30.91 -28.66
CA ARG C 344 -19.27 31.73 -27.92
C ARG C 344 -19.30 31.32 -26.46
N PHE C 345 -18.28 31.76 -25.71
CA PHE C 345 -18.10 31.23 -24.36
C PHE C 345 -19.24 31.67 -23.45
N ARG C 346 -19.63 30.76 -22.57
CA ARG C 346 -20.72 31.00 -21.63
C ARG C 346 -20.65 29.95 -20.55
N PRO C 347 -21.21 30.23 -19.37
CA PRO C 347 -21.25 29.21 -18.31
C PRO C 347 -21.92 27.95 -18.80
N MET C 348 -21.36 26.79 -18.39
CA MET C 348 -21.97 25.51 -18.73
C MET C 348 -23.44 25.49 -18.35
N ASP C 349 -23.78 26.15 -17.25
CA ASP C 349 -25.15 26.19 -16.76
C ASP C 349 -26.14 26.72 -17.80
N ASN C 350 -25.67 27.44 -18.82
CA ASN C 350 -26.53 28.04 -19.83
C ASN C 350 -26.41 27.37 -21.20
N LEU C 351 -25.87 26.18 -21.28
CA LEU C 351 -25.78 25.48 -22.55
C LEU C 351 -27.09 24.75 -22.87
N SER C 352 -27.27 24.44 -24.16
CA SER C 352 -28.44 23.72 -24.63
C SER C 352 -28.27 22.22 -24.36
N GLY C 353 -29.38 21.49 -24.49
CA GLY C 353 -29.47 20.07 -24.19
C GLY C 353 -28.25 19.21 -24.48
N GLY C 354 -28.01 18.89 -25.75
CA GLY C 354 -26.89 18.01 -26.09
C GLY C 354 -25.54 18.62 -25.79
N GLU C 355 -25.39 19.93 -26.01
CA GLU C 355 -24.13 20.59 -25.67
C GLU C 355 -23.88 20.56 -24.16
N LYS C 356 -24.93 20.77 -23.36
CA LYS C 356 -24.76 20.73 -21.92
C LYS C 356 -24.35 19.34 -21.46
N THR C 357 -24.87 18.31 -22.13
CA THR C 357 -24.54 16.93 -21.78
C THR C 357 -23.06 16.64 -22.02
N VAL C 358 -22.54 17.05 -23.17
CA VAL C 358 -21.15 16.80 -23.47
C VAL C 358 -20.24 17.59 -22.52
N ALA C 359 -20.63 18.83 -22.20
CA ALA C 359 -19.84 19.62 -21.27
C ALA C 359 -19.82 18.97 -19.89
N ALA C 360 -20.97 18.47 -19.43
CA ALA C 360 -21.02 17.74 -18.17
C ALA C 360 -20.16 16.50 -18.24
N LEU C 361 -20.23 15.77 -19.35
CA LEU C 361 -19.43 14.56 -19.51
C LEU C 361 -17.94 14.88 -19.47
N ALA C 362 -17.54 16.01 -20.06
CA ALA C 362 -16.14 16.41 -20.01
C ALA C 362 -15.69 16.68 -18.58
N LEU C 363 -16.54 17.35 -17.78
CA LEU C 363 -16.18 17.60 -16.39
C LEU C 363 -16.10 16.29 -15.61
N LEU C 364 -17.01 15.37 -15.91
CA LEU C 364 -17.00 14.05 -15.27
C LEU C 364 -15.72 13.30 -15.61
N PHE C 365 -15.36 13.26 -16.89
CA PHE C 365 -14.12 12.58 -17.28
C PHE C 365 -12.90 13.28 -16.69
N ALA C 366 -12.91 14.62 -16.66
CA ALA C 366 -11.79 15.35 -16.09
C ALA C 366 -11.61 15.04 -14.61
N ILE C 367 -12.72 14.91 -13.87
CA ILE C 367 -12.62 14.55 -12.47
C ILE C 367 -11.98 13.17 -12.33
N HIS C 368 -12.41 12.20 -13.14
CA HIS C 368 -11.85 10.87 -13.04
C HIS C 368 -10.42 10.81 -13.57
N SER C 369 -9.98 11.80 -14.37
CA SER C 369 -8.61 11.80 -14.86
C SER C 369 -7.63 12.26 -13.79
N TYR C 370 -8.10 12.77 -12.66
CA TYR C 370 -7.21 13.29 -11.62
C TYR C 370 -6.44 12.16 -10.95
N LYS C 371 -7.15 11.12 -10.52
CA LYS C 371 -6.53 9.90 -9.98
C LYS C 371 -7.00 8.76 -10.87
N PRO C 372 -6.36 8.59 -12.04
CA PRO C 372 -6.95 7.74 -13.08
C PRO C 372 -6.83 6.27 -12.74
N ALA C 373 -7.92 5.55 -12.92
CA ALA C 373 -7.94 4.11 -12.77
C ALA C 373 -7.44 3.44 -14.05
N PRO C 374 -6.87 2.24 -13.97
CA PRO C 374 -6.46 1.55 -15.19
C PRO C 374 -7.63 1.09 -16.02
N PHE C 375 -8.78 0.86 -15.41
CA PHE C 375 -9.99 0.55 -16.16
C PHE C 375 -11.12 1.41 -15.63
N PHE C 376 -12.15 1.54 -16.45
CA PHE C 376 -13.19 2.52 -16.20
C PHE C 376 -14.50 1.85 -16.55
N VAL C 377 -15.38 1.65 -15.57
CA VAL C 377 -16.65 0.95 -15.77
C VAL C 377 -17.75 2.00 -15.86
N LEU C 378 -18.43 2.07 -17.01
CA LEU C 378 -19.40 3.11 -17.30
C LEU C 378 -20.79 2.49 -17.41
N ASP C 379 -21.65 2.78 -16.43
CA ASP C 379 -22.96 2.16 -16.36
C ASP C 379 -23.97 3.07 -17.06
N GLN C 380 -24.28 2.75 -18.32
CA GLN C 380 -25.26 3.51 -19.11
C GLN C 380 -24.91 5.00 -19.19
N ILE C 381 -23.64 5.28 -19.43
CA ILE C 381 -23.17 6.65 -19.60
C ILE C 381 -23.78 7.29 -20.84
N ASP C 382 -24.32 6.47 -21.73
CA ASP C 382 -24.90 6.98 -22.97
C ASP C 382 -26.39 7.24 -22.85
N ALA C 383 -26.98 7.06 -21.66
CA ALA C 383 -28.41 7.27 -21.51
C ALA C 383 -28.80 8.70 -21.89
N ALA C 384 -27.98 9.69 -21.51
CA ALA C 384 -28.29 11.08 -21.81
C ALA C 384 -27.80 11.54 -23.17
N LEU C 385 -27.00 10.72 -23.86
CA LEU C 385 -26.59 11.04 -25.20
C LEU C 385 -27.75 10.88 -26.18
N ASP C 386 -27.65 11.56 -27.32
CA ASP C 386 -28.64 11.43 -28.38
C ASP C 386 -27.92 11.32 -29.72
N ASN C 387 -28.71 11.32 -30.81
CA ASN C 387 -28.13 11.06 -32.12
C ASN C 387 -27.13 12.13 -32.55
N THR C 388 -27.14 13.28 -31.89
CA THR C 388 -26.21 14.32 -32.28
C THR C 388 -24.81 14.13 -31.69
N ASN C 389 -24.69 13.37 -30.60
CA ASN C 389 -23.42 13.30 -29.91
C ASN C 389 -23.04 11.90 -29.44
N ILE C 390 -23.89 10.89 -29.63
CA ILE C 390 -23.59 9.58 -29.06
C ILE C 390 -22.42 8.93 -29.81
N GLY C 391 -22.33 9.14 -31.12
CA GLY C 391 -21.23 8.56 -31.86
C GLY C 391 -19.89 9.18 -31.51
N LYS C 392 -19.86 10.51 -31.33
CA LYS C 392 -18.64 11.19 -30.95
C LYS C 392 -18.11 10.68 -29.62
N VAL C 393 -19.00 10.47 -28.65
CA VAL C 393 -18.55 9.99 -27.34
C VAL C 393 -18.08 8.55 -27.46
N ALA C 394 -18.78 7.73 -28.24
CA ALA C 394 -18.36 6.35 -28.42
C ALA C 394 -17.00 6.28 -29.09
N ASN C 395 -16.75 7.16 -30.06
CA ASN C 395 -15.44 7.16 -30.70
C ASN C 395 -14.36 7.70 -29.76
N TYR C 396 -14.71 8.66 -28.89
CA TYR C 396 -13.76 9.11 -27.87
C TYR C 396 -13.35 7.95 -26.97
N ILE C 397 -14.32 7.18 -26.51
CA ILE C 397 -14.03 6.03 -25.65
C ILE C 397 -13.16 5.02 -26.38
N LYS C 398 -13.49 4.75 -27.65
CA LYS C 398 -12.68 3.81 -28.42
C LYS C 398 -11.24 4.30 -28.53
N GLU C 399 -11.05 5.59 -28.78
CA GLU C 399 -9.68 6.12 -28.90
C GLU C 399 -8.95 6.06 -27.56
N GLN C 400 -9.64 6.40 -26.47
CA GLN C 400 -8.99 6.33 -25.16
C GLN C 400 -8.63 4.89 -24.79
N SER C 401 -9.40 3.91 -25.25
CA SER C 401 -9.11 2.54 -24.84
C SER C 401 -7.84 1.99 -25.48
N THR C 402 -7.31 2.65 -26.51
CA THR C 402 -6.08 2.15 -27.10
C THR C 402 -4.84 2.61 -26.34
N CYS C 403 -4.97 3.55 -25.42
CA CYS C 403 -3.80 4.15 -24.77
C CYS C 403 -3.99 4.42 -23.29
N ASN C 404 -5.10 5.02 -22.90
CA ASN C 404 -5.22 5.64 -21.58
C ASN C 404 -5.94 4.80 -20.55
N PHE C 405 -7.06 4.16 -20.90
CA PHE C 405 -7.73 3.31 -19.93
C PHE C 405 -8.51 2.24 -20.69
N GLN C 406 -8.64 1.08 -20.07
CA GLN C 406 -9.59 0.08 -20.53
C GLN C 406 -11.00 0.55 -20.24
N ALA C 407 -11.90 0.36 -21.19
CA ALA C 407 -13.28 0.80 -21.05
C ALA C 407 -14.22 -0.40 -21.03
N ILE C 408 -15.03 -0.49 -19.99
CA ILE C 408 -16.07 -1.50 -19.84
C ILE C 408 -17.37 -0.72 -19.70
N VAL C 409 -18.26 -0.85 -20.68
CA VAL C 409 -19.48 -0.05 -20.67
C VAL C 409 -20.68 -0.98 -20.67
N ILE C 410 -21.67 -0.61 -19.88
CA ILE C 410 -22.97 -1.23 -19.91
C ILE C 410 -23.86 -0.28 -20.71
N SER C 411 -24.46 -0.76 -21.78
CA SER C 411 -25.05 0.15 -22.75
C SER C 411 -26.33 -0.47 -23.32
N LEU C 412 -27.34 0.37 -23.51
CA LEU C 412 -28.56 -0.04 -24.21
C LEU C 412 -28.63 0.41 -25.66
N LYS C 413 -27.65 1.17 -26.15
CA LYS C 413 -27.79 1.84 -27.44
C LYS C 413 -26.74 1.34 -28.43
N GLU C 414 -27.21 0.77 -29.54
CA GLU C 414 -26.29 0.16 -30.51
C GLU C 414 -25.33 1.17 -31.12
N GLU C 415 -25.76 2.43 -31.29
CA GLU C 415 -24.84 3.43 -31.84
C GLU C 415 -23.65 3.65 -30.94
N PHE C 416 -23.78 3.30 -29.65
CA PHE C 416 -22.68 3.37 -28.71
C PHE C 416 -21.90 2.06 -28.67
N TYR C 417 -22.58 0.95 -28.38
CA TYR C 417 -21.83 -0.27 -28.10
C TYR C 417 -21.29 -0.92 -29.36
N THR C 418 -21.75 -0.53 -30.56
CA THR C 418 -21.09 -1.12 -31.73
C THR C 418 -19.69 -0.56 -31.99
N LYS C 419 -19.21 0.39 -31.19
CA LYS C 419 -17.84 0.83 -31.30
C LYS C 419 -16.89 -0.05 -30.49
N ALA C 420 -17.43 -0.94 -29.66
CA ALA C 420 -16.60 -1.76 -28.80
C ALA C 420 -15.91 -2.87 -29.59
N GLU C 421 -14.82 -3.40 -29.02
CA GLU C 421 -14.16 -4.54 -29.65
C GLU C 421 -14.89 -5.85 -29.38
N SER C 422 -15.45 -5.97 -28.18
CA SER C 422 -16.08 -7.18 -27.65
C SER C 422 -17.44 -6.80 -27.10
N LEU C 423 -18.43 -7.67 -27.31
CA LEU C 423 -19.69 -7.61 -26.60
C LEU C 423 -19.76 -8.79 -25.63
N ILE C 424 -20.15 -8.50 -24.39
CA ILE C 424 -20.63 -9.53 -23.45
C ILE C 424 -22.14 -9.39 -23.43
N GLY C 425 -22.85 -10.40 -23.93
CA GLY C 425 -24.30 -10.39 -23.99
C GLY C 425 -24.87 -11.18 -22.84
N VAL C 426 -25.73 -10.53 -22.05
CA VAL C 426 -26.35 -11.14 -20.88
C VAL C 426 -27.74 -11.61 -21.27
N TYR C 427 -28.09 -12.84 -20.91
CA TYR C 427 -29.42 -13.38 -21.18
C TYR C 427 -29.96 -14.14 -19.98
N PRO C 428 -31.27 -14.23 -19.85
CA PRO C 428 -31.86 -14.97 -18.75
C PRO C 428 -32.19 -16.41 -19.09
N GLU C 429 -32.14 -17.24 -18.05
CA GLU C 429 -32.70 -18.58 -18.05
C GLU C 429 -33.89 -18.61 -17.09
N GLN C 430 -34.94 -19.32 -17.44
CA GLN C 430 -36.04 -19.42 -16.49
C GLN C 430 -35.72 -20.47 -15.45
N GLY C 431 -36.08 -20.19 -14.21
CA GLY C 431 -35.80 -21.10 -13.12
C GLY C 431 -36.54 -20.68 -11.88
N ASP C 432 -36.15 -21.30 -10.75
CA ASP C 432 -36.73 -20.94 -9.47
C ASP C 432 -36.51 -19.45 -9.18
N CYS C 433 -35.28 -18.99 -9.33
CA CYS C 433 -34.95 -17.57 -9.32
C CYS C 433 -34.50 -17.18 -10.73
N VAL C 434 -34.37 -15.87 -10.95
CA VAL C 434 -33.80 -15.40 -12.21
C VAL C 434 -32.36 -15.90 -12.31
N ILE C 435 -32.04 -16.49 -13.46
CA ILE C 435 -30.68 -16.95 -13.76
C ILE C 435 -30.17 -16.14 -14.94
N SER C 436 -28.96 -15.60 -14.79
CA SER C 436 -28.27 -14.87 -15.85
C SER C 436 -27.08 -15.68 -16.33
N LYS C 437 -26.85 -15.67 -17.63
CA LYS C 437 -25.64 -16.25 -18.22
C LYS C 437 -25.12 -15.28 -19.25
N VAL C 438 -23.90 -15.49 -19.76
CA VAL C 438 -23.35 -14.57 -20.74
C VAL C 438 -22.82 -15.29 -21.97
N LEU C 439 -22.77 -14.53 -23.05
CA LEU C 439 -22.12 -14.89 -24.30
C LEU C 439 -21.07 -13.83 -24.61
N THR C 440 -20.02 -14.23 -25.33
CA THR C 440 -18.99 -13.33 -25.79
C THR C 440 -18.95 -13.29 -27.31
N PHE C 441 -18.79 -12.09 -27.85
CA PHE C 441 -18.83 -11.88 -29.30
C PHE C 441 -17.77 -10.86 -29.73
N ASP C 442 -16.97 -11.22 -30.74
CA ASP C 442 -15.88 -10.38 -31.22
C ASP C 442 -16.39 -9.52 -32.37
N LEU C 443 -16.40 -8.20 -32.19
CA LEU C 443 -16.86 -7.34 -33.29
C LEU C 443 -15.73 -6.91 -34.21
N THR C 444 -14.47 -7.08 -33.80
CA THR C 444 -13.36 -6.60 -34.64
C THR C 444 -13.27 -7.35 -35.96
N LYS C 445 -13.94 -8.49 -36.07
CA LYS C 445 -13.94 -9.27 -37.32
C LYS C 445 -14.71 -8.58 -38.44
N TYR C 446 -15.53 -7.57 -38.14
CA TYR C 446 -16.42 -7.05 -39.17
C TYR C 446 -16.08 -5.59 -39.49
N PRO C 447 -16.28 -5.18 -40.75
CA PRO C 447 -15.96 -3.81 -41.14
C PRO C 447 -16.98 -2.81 -40.61
N ASP C 448 -16.49 -1.56 -40.49
CA ASP C 448 -17.15 -0.33 -39.97
C ASP C 448 -16.60 0.00 -38.60
N ALA D 20 -32.76 -32.40 -35.86
CA ALA D 20 -32.93 -31.10 -35.19
C ALA D 20 -32.06 -30.02 -35.85
N GLU D 21 -32.63 -28.83 -36.02
CA GLU D 21 -31.90 -27.72 -36.62
C GLU D 21 -30.92 -27.11 -35.63
N SER D 22 -29.83 -26.58 -36.16
CA SER D 22 -28.91 -25.75 -35.38
C SER D 22 -28.43 -24.64 -36.29
N ILE D 23 -28.22 -23.46 -35.72
CA ILE D 23 -27.89 -22.27 -36.50
C ILE D 23 -26.63 -21.67 -35.90
N SER D 24 -25.64 -21.40 -36.75
CA SER D 24 -24.36 -20.83 -36.31
C SER D 24 -24.44 -19.30 -36.40
N LEU D 25 -24.21 -18.62 -35.28
CA LEU D 25 -24.16 -17.16 -35.30
C LEU D 25 -23.04 -16.65 -36.21
N LEU D 26 -21.85 -17.27 -36.15
CA LEU D 26 -20.76 -16.83 -37.01
C LEU D 26 -21.08 -17.01 -38.48
N GLU D 27 -21.78 -18.09 -38.84
CA GLU D 27 -22.20 -18.24 -40.23
C GLU D 27 -23.20 -17.15 -40.62
N LEU D 28 -24.12 -16.81 -39.72
CA LEU D 28 -25.09 -15.75 -40.05
C LEU D 28 -24.43 -14.40 -40.23
N CYS D 29 -23.30 -14.17 -39.59
CA CYS D 29 -22.66 -12.87 -39.61
C CYS D 29 -21.63 -12.73 -40.72
N ARG D 30 -21.38 -13.76 -41.50
CA ARG D 30 -20.42 -13.65 -42.60
C ARG D 30 -20.91 -12.60 -43.58
N ASN D 31 -19.99 -11.74 -44.00
CA ASN D 31 -20.25 -10.65 -44.94
C ASN D 31 -21.16 -9.56 -44.35
N THR D 32 -21.29 -9.49 -43.04
CA THR D 32 -22.00 -8.39 -42.42
C THR D 32 -21.02 -7.35 -41.92
N ASN D 33 -21.52 -6.14 -41.71
CA ASN D 33 -20.70 -5.14 -41.05
C ASN D 33 -20.91 -5.21 -39.53
N ARG D 34 -20.11 -4.42 -38.80
CA ARG D 34 -20.16 -4.41 -37.33
C ARG D 34 -21.58 -4.23 -36.79
N LYS D 35 -22.33 -3.30 -37.39
CA LYS D 35 -23.65 -2.99 -36.86
C LYS D 35 -24.61 -4.15 -37.09
N GLN D 36 -24.53 -4.78 -38.26
CA GLN D 36 -25.38 -5.91 -38.57
C GLN D 36 -25.04 -7.12 -37.71
N ALA D 37 -23.75 -7.38 -37.52
CA ALA D 37 -23.35 -8.54 -36.73
C ALA D 37 -23.79 -8.36 -35.29
N ALA D 38 -23.59 -7.16 -34.72
CA ALA D 38 -24.04 -6.90 -33.35
C ALA D 38 -25.53 -7.09 -33.23
N ALA D 39 -26.29 -6.69 -34.24
CA ALA D 39 -27.74 -6.87 -34.17
C ALA D 39 -28.13 -8.33 -34.25
N LYS D 40 -27.39 -9.14 -35.00
CA LYS D 40 -27.69 -10.58 -35.01
C LYS D 40 -27.36 -11.20 -33.67
N PHE D 41 -26.22 -10.85 -33.09
CA PHE D 41 -25.88 -11.31 -31.76
C PHE D 41 -26.94 -10.92 -30.75
N TYR D 42 -27.35 -9.65 -30.79
CA TYR D 42 -28.38 -9.19 -29.87
C TYR D 42 -29.67 -9.96 -30.05
N SER D 43 -29.99 -10.35 -31.29
CA SER D 43 -31.24 -11.07 -31.51
C SER D 43 -31.18 -12.46 -30.89
N PHE D 44 -29.99 -13.04 -30.77
CA PHE D 44 -29.87 -14.31 -30.06
C PHE D 44 -30.24 -14.15 -28.60
N LEU D 45 -29.80 -13.05 -27.98
CA LEU D 45 -30.16 -12.81 -26.58
C LEU D 45 -31.66 -12.62 -26.42
N VAL D 46 -32.27 -11.86 -27.34
CA VAL D 46 -33.71 -11.62 -27.28
C VAL D 46 -34.49 -12.91 -27.48
N LEU D 47 -34.12 -13.69 -28.50
CA LEU D 47 -34.87 -14.91 -28.77
C LEU D 47 -34.68 -15.93 -27.66
N LYS D 48 -33.52 -15.93 -27.01
CA LYS D 48 -33.34 -16.80 -25.85
C LYS D 48 -34.24 -16.35 -24.70
N LYS D 49 -34.31 -15.04 -24.46
CA LYS D 49 -35.20 -14.51 -23.43
C LYS D 49 -36.64 -14.93 -23.70
N GLN D 50 -37.04 -14.93 -24.96
CA GLN D 50 -38.39 -15.29 -25.37
C GLN D 50 -38.59 -16.78 -25.45
N GLN D 51 -37.52 -17.55 -25.19
CA GLN D 51 -37.54 -19.01 -25.20
C GLN D 51 -37.85 -19.58 -26.59
N ALA D 52 -37.58 -18.79 -27.63
CA ALA D 52 -37.73 -19.28 -28.99
C ALA D 52 -36.55 -20.13 -29.44
N ILE D 53 -35.41 -20.01 -28.76
CA ILE D 53 -34.21 -20.79 -29.06
C ILE D 53 -33.55 -21.16 -27.73
N GLU D 54 -32.65 -22.13 -27.81
CA GLU D 54 -31.64 -22.35 -26.79
C GLU D 54 -30.28 -22.00 -27.37
N LEU D 55 -29.32 -21.71 -26.49
CA LEU D 55 -28.02 -21.19 -26.89
C LEU D 55 -26.91 -22.07 -26.32
N THR D 56 -25.87 -22.32 -27.13
CA THR D 56 -24.67 -23.01 -26.68
C THR D 56 -23.44 -22.23 -27.12
N GLN D 57 -22.49 -22.03 -26.21
CA GLN D 57 -21.21 -21.44 -26.59
C GLN D 57 -20.17 -22.22 -25.82
N GLU D 58 -19.34 -22.98 -26.53
CA GLU D 58 -18.46 -23.96 -25.88
C GLU D 58 -17.39 -23.28 -25.02
N GLU D 59 -16.81 -22.20 -25.52
CA GLU D 59 -15.73 -21.46 -24.89
C GLU D 59 -15.96 -19.99 -25.13
N PRO D 60 -15.41 -19.10 -24.31
CA PRO D 60 -15.49 -17.66 -24.62
C PRO D 60 -15.00 -17.38 -26.03
N TYR D 61 -15.78 -16.60 -26.78
CA TYR D 61 -15.50 -16.19 -28.16
C TYR D 61 -15.55 -17.32 -29.16
N SER D 62 -16.06 -18.50 -28.78
CA SER D 62 -16.31 -19.53 -29.78
C SER D 62 -17.60 -19.19 -30.52
N ASP D 63 -17.92 -19.99 -31.54
CA ASP D 63 -19.20 -19.85 -32.22
C ASP D 63 -20.33 -20.03 -31.21
N ILE D 64 -21.48 -19.42 -31.51
CA ILE D 64 -22.65 -19.47 -30.66
C ILE D 64 -23.73 -20.15 -31.50
N ILE D 65 -24.27 -21.25 -30.99
CA ILE D 65 -25.18 -22.10 -31.76
C ILE D 65 -26.58 -21.96 -31.18
N ALA D 66 -27.55 -21.70 -32.06
CA ALA D 66 -28.95 -21.63 -31.68
C ALA D 66 -29.63 -22.94 -32.06
N THR D 67 -30.41 -23.50 -31.14
CA THR D 67 -31.17 -24.71 -31.35
C THR D 67 -32.59 -24.44 -30.86
N PRO D 68 -33.54 -25.35 -31.13
CA PRO D 68 -34.93 -25.05 -30.82
C PRO D 68 -35.19 -24.80 -29.35
N GLY D 69 -36.10 -23.87 -29.09
CA GLY D 69 -36.56 -23.58 -27.75
C GLY D 69 -38.01 -24.00 -27.62
N PRO D 70 -38.54 -24.03 -26.39
CA PRO D 70 -39.88 -24.57 -26.18
C PRO D 70 -41.02 -23.64 -26.56
N ARG D 71 -40.75 -22.36 -26.83
CA ARG D 71 -41.78 -21.39 -27.17
C ARG D 71 -41.77 -21.00 -28.65
N PHE D 72 -41.08 -21.76 -29.49
CA PHE D 72 -41.18 -21.55 -30.93
C PHE D 72 -40.92 -22.87 -31.63
N HIS D 73 -41.75 -23.19 -32.62
CA HIS D 73 -41.74 -24.52 -33.18
C HIS D 73 -41.56 -24.55 -34.69
N GLY D 74 -41.43 -23.39 -35.34
CA GLY D 74 -41.18 -23.33 -36.76
C GLY D 74 -39.70 -23.49 -37.08
N SER D 75 -39.39 -23.22 -38.35
CA SER D 75 -38.02 -23.40 -38.82
C SER D 75 -37.10 -22.31 -38.26
N LEU D 76 -35.97 -22.73 -37.68
CA LEU D 76 -34.96 -21.76 -37.29
C LEU D 76 -34.36 -21.07 -38.50
N GLU D 77 -34.24 -21.79 -39.62
CA GLU D 77 -33.63 -21.19 -40.80
C GLU D 77 -34.41 -19.97 -41.28
N VAL D 78 -35.74 -20.05 -41.32
CA VAL D 78 -36.52 -18.89 -41.77
C VAL D 78 -36.58 -17.82 -40.68
N LEU D 79 -36.50 -18.21 -39.40
CA LEU D 79 -36.47 -17.23 -38.32
C LEU D 79 -35.29 -16.25 -38.46
N PHE D 80 -34.16 -16.73 -38.96
CA PHE D 80 -32.95 -15.92 -39.05
C PHE D 80 -32.67 -15.40 -40.46
N GLN D 81 -33.58 -15.63 -41.40
CA GLN D 81 -33.43 -15.07 -42.73
C GLN D 81 -34.16 -13.73 -42.82
C1 B3P E . -3.86 -23.75 22.67
C2 B3P E . -3.29 -22.34 22.56
C3 B3P E . -4.33 -24.25 21.31
N1 B3P E . -3.22 -24.55 20.41
C4 B3P E . -3.52 -25.74 19.61
C5 B3P E . -3.36 -26.99 20.49
C6 B3P E . -2.56 -25.84 18.43
C7 B3P E . -4.93 -25.67 19.06
N2 B3P E . -4.20 -21.29 22.99
C8 B3P E . -3.96 -20.76 24.33
C9 B3P E . -2.73 -21.34 25.03
C10 B3P E . -5.21 -21.12 25.13
C11 B3P E . -3.83 -19.24 24.25
O1 B3P E . -1.57 -20.61 24.74
O2 B3P E . -6.31 -20.98 24.27
O3 B3P E . -3.88 -18.67 25.54
O4 B3P E . -2.02 -27.14 20.88
O5 B3P E . -2.97 -26.86 17.57
O6 B3P E . -5.71 -26.70 19.63
#